data_1FEV
# 
_entry.id   1FEV 
# 
_audit_conform.dict_name       mmcif_pdbx.dic 
_audit_conform.dict_version    5.351 
_audit_conform.dict_location   http://mmcif.pdb.org/dictionaries/ascii/mmcif_pdbx.dic 
# 
loop_
_database_2.database_id 
_database_2.database_code 
_database_2.pdbx_database_accession 
_database_2.pdbx_DOI 
PDB   1FEV         pdb_00001fev 10.2210/pdb1fev/pdb 
RCSB  RCSB011524   ?            ?                   
WWPDB D_1000011524 ?            ?                   
# 
loop_
_pdbx_database_related.db_name 
_pdbx_database_related.db_id 
_pdbx_database_related.details 
_pdbx_database_related.content_type 
PDB 1D5D '1D5D contains mutant RNase S:  F8M'   unspecified 
PDB 1D5E '1D5E contains mutant RNase S:  F8Nle' unspecified 
PDB 1D5H '1D5H contains mutant RNase S:  F8A'   unspecified 
PDB 1RNV '1RNV contains wildtype RNase S'       unspecified 
PDB 1RBH '1RBH contains mutant RNase S: M13L'   unspecified 
# 
_pdbx_database_status.status_code                     REL 
_pdbx_database_status.entry_id                        1FEV 
_pdbx_database_status.recvd_initial_deposition_date   2000-07-23 
_pdbx_database_status.deposit_site                    RCSB 
_pdbx_database_status.process_site                    RCSB 
_pdbx_database_status.status_code_sf                  REL 
_pdbx_database_status.SG_entry                        . 
_pdbx_database_status.pdb_format_compatible           Y 
_pdbx_database_status.status_code_mr                  ? 
_pdbx_database_status.status_code_cs                  ? 
_pdbx_database_status.methods_development_category    ? 
_pdbx_database_status.status_code_nmr_data            ? 
# 
loop_
_audit_author.name 
_audit_author.pdbx_ordinal 
'Ratnaparkhi, G.S.' 1 
'Varadarajan, R.'   2 
# 
loop_
_citation.id 
_citation.title 
_citation.journal_abbrev 
_citation.journal_volume 
_citation.page_first 
_citation.page_last 
_citation.year 
_citation.journal_id_ASTM 
_citation.country 
_citation.journal_id_ISSN 
_citation.journal_id_CSD 
_citation.book_publisher 
_citation.pdbx_database_id_PubMed 
_citation.pdbx_database_id_DOI 
primary 'Structural and thermodynamic consequences of introducing alpha-aminoisobutyric acid in the S peptide of ribonuclease S.' 
'Protein Eng.'    13 697 702 2000 PRENE9 UK 0269-2139 0859 ? 11112508 10.1093/protein/13.10.697 
1       
;Thermodynamic and Structural Studies of Cavity Formation in Proteins Suggest that Loss of Packing Interactions Rather than the Hydrophobic Effect Dominates the Observed Energetics
;
'To be Published' ?  ?   ?   ?    ?      ?  ?         0353 ? ?        ? 
2       'X-ray Crystallographic Studies of the Denaturation of Ribonuclease S' Proteins          36 282 294 1999 PSFGEY US 
0887-3585 0867 ? ?        '10.1002/(SICI)1097-0134(19990815)36:3<282::AID-PROT3>3.3.CO;2-6' 
# 
loop_
_citation_author.citation_id 
_citation_author.name 
_citation_author.ordinal 
_citation_author.identifier_ORCID 
primary 'Ratnaparkhi, G.S.' 1 ? 
primary 'Awasthi, S.K.'     2 ? 
primary 'Rani, P.'          3 ? 
primary 'Balaram, P.'       4 ? 
primary 'Varadarajan, R.'   5 ? 
1       'Ratnaparkhi, G.S.' 6 ? 
1       'Varadarajan, R.'   7 ? 
2       'Ratnaparkhi, G.S.' 8 ? 
2       'Varadarajan, R.'   9 ? 
# 
_cell.entry_id           1FEV 
_cell.length_a           44.580 
_cell.length_b           44.580 
_cell.length_c           97.780 
_cell.angle_alpha        90.00 
_cell.angle_beta         90.00 
_cell.angle_gamma        120.00 
_cell.Z_PDB              6 
_cell.pdbx_unique_axis   ? 
# 
_symmetry.entry_id                         1FEV 
_symmetry.space_group_name_H-M             'P 31 2 1' 
_symmetry.pdbx_full_space_group_name_H-M   ? 
_symmetry.cell_setting                     ? 
_symmetry.Int_Tables_number                152 
# 
loop_
_entity.id 
_entity.type 
_entity.src_method 
_entity.pdbx_description 
_entity.formula_weight 
_entity.pdbx_number_of_molecules 
_entity.pdbx_ec 
_entity.pdbx_mutation 
_entity.pdbx_fragment 
_entity.details 
1 polymer     syn 'S PEPTIDE'   1748.933  1  ?        ? ? ? 
2 polymer     nat 'S PROTEIN'   11294.749 1  3.1.27.5 ? ? ? 
3 non-polymer syn 'SULFATE ION' 96.063    1  ?        ? ? ? 
4 water       nat water         18.015    42 ?        ? ? ? 
# 
_entity_name_com.entity_id   2 
_entity_name_com.name        'RNASE S' 
# 
loop_
_entity_poly.entity_id 
_entity_poly.type 
_entity_poly.nstd_linkage 
_entity_poly.nstd_monomer 
_entity_poly.pdbx_seq_one_letter_code 
_entity_poly.pdbx_seq_one_letter_code_can 
_entity_poly.pdbx_strand_id 
_entity_poly.pdbx_target_identifier 
1 'polypeptide(L)' no yes 'KET(AIB)AAKFERQHLDS'                                                                                    
KETAAAKFERQHLDS                                                                                          A ? 
2 'polypeptide(L)' no no  
;NYCNQMMKSRNLTKDRCKPVNTFVHESLADVQAVCSQKNVACKNGQTNCYQSYSTMSITDCRETGSSKYPNCAYKTTQAN
KHIIVACEGNPYVPVHFDASV
;
;NYCNQMMKSRNLTKDRCKPVNTFVHESLADVQAVCSQKNVACKNGQTNCYQSYSTMSITDCRETGSSKYPNCAYKTTQAN
KHIIVACEGNPYVPVHFDASV
;
B ? 
# 
loop_
_entity_poly_seq.entity_id 
_entity_poly_seq.num 
_entity_poly_seq.mon_id 
_entity_poly_seq.hetero 
1 1   LYS n 
1 2   GLU n 
1 3   THR n 
1 4   AIB n 
1 5   ALA n 
1 6   ALA n 
1 7   LYS n 
1 8   PHE n 
1 9   GLU n 
1 10  ARG n 
1 11  GLN n 
1 12  HIS n 
1 13  LEU n 
1 14  ASP n 
1 15  SER n 
2 1   ASN n 
2 2   TYR n 
2 3   CYS n 
2 4   ASN n 
2 5   GLN n 
2 6   MET n 
2 7   MET n 
2 8   LYS n 
2 9   SER n 
2 10  ARG n 
2 11  ASN n 
2 12  LEU n 
2 13  THR n 
2 14  LYS n 
2 15  ASP n 
2 16  ARG n 
2 17  CYS n 
2 18  LYS n 
2 19  PRO n 
2 20  VAL n 
2 21  ASN n 
2 22  THR n 
2 23  PHE n 
2 24  VAL n 
2 25  HIS n 
2 26  GLU n 
2 27  SER n 
2 28  LEU n 
2 29  ALA n 
2 30  ASP n 
2 31  VAL n 
2 32  GLN n 
2 33  ALA n 
2 34  VAL n 
2 35  CYS n 
2 36  SER n 
2 37  GLN n 
2 38  LYS n 
2 39  ASN n 
2 40  VAL n 
2 41  ALA n 
2 42  CYS n 
2 43  LYS n 
2 44  ASN n 
2 45  GLY n 
2 46  GLN n 
2 47  THR n 
2 48  ASN n 
2 49  CYS n 
2 50  TYR n 
2 51  GLN n 
2 52  SER n 
2 53  TYR n 
2 54  SER n 
2 55  THR n 
2 56  MET n 
2 57  SER n 
2 58  ILE n 
2 59  THR n 
2 60  ASP n 
2 61  CYS n 
2 62  ARG n 
2 63  GLU n 
2 64  THR n 
2 65  GLY n 
2 66  SER n 
2 67  SER n 
2 68  LYS n 
2 69  TYR n 
2 70  PRO n 
2 71  ASN n 
2 72  CYS n 
2 73  ALA n 
2 74  TYR n 
2 75  LYS n 
2 76  THR n 
2 77  THR n 
2 78  GLN n 
2 79  ALA n 
2 80  ASN n 
2 81  LYS n 
2 82  HIS n 
2 83  ILE n 
2 84  ILE n 
2 85  VAL n 
2 86  ALA n 
2 87  CYS n 
2 88  GLU n 
2 89  GLY n 
2 90  ASN n 
2 91  PRO n 
2 92  TYR n 
2 93  VAL n 
2 94  PRO n 
2 95  VAL n 
2 96  HIS n 
2 97  PHE n 
2 98  ASP n 
2 99  ALA n 
2 100 SER n 
2 101 VAL n 
# 
_entity_src_nat.entity_id                  2 
_entity_src_nat.pdbx_src_id                1 
_entity_src_nat.pdbx_alt_source_flag       sample 
_entity_src_nat.pdbx_beg_seq_num           ? 
_entity_src_nat.pdbx_end_seq_num           ? 
_entity_src_nat.common_name                cattle 
_entity_src_nat.pdbx_organism_scientific   'Bos taurus' 
_entity_src_nat.pdbx_ncbi_taxonomy_id      9913 
_entity_src_nat.genus                      Bos 
_entity_src_nat.species                    ? 
_entity_src_nat.strain                     ? 
_entity_src_nat.tissue                     PANCREAS 
_entity_src_nat.tissue_fraction            ? 
_entity_src_nat.pdbx_secretion             ? 
_entity_src_nat.pdbx_fragment              ? 
_entity_src_nat.pdbx_variant               ? 
_entity_src_nat.pdbx_cell_line             ? 
_entity_src_nat.pdbx_atcc                  ? 
_entity_src_nat.pdbx_cellular_location     ? 
_entity_src_nat.pdbx_organ                 ? 
_entity_src_nat.pdbx_organelle             ? 
_entity_src_nat.pdbx_cell                  ? 
_entity_src_nat.pdbx_plasmid_name          ? 
_entity_src_nat.pdbx_plasmid_details       ? 
_entity_src_nat.details                    ? 
# 
_pdbx_entity_src_syn.entity_id              1 
_pdbx_entity_src_syn.pdbx_src_id            1 
_pdbx_entity_src_syn.pdbx_alt_source_flag   sample 
_pdbx_entity_src_syn.pdbx_beg_seq_num       ? 
_pdbx_entity_src_syn.pdbx_end_seq_num       ? 
_pdbx_entity_src_syn.organism_scientific    ? 
_pdbx_entity_src_syn.organism_common_name   ? 
_pdbx_entity_src_syn.ncbi_taxonomy_id       ? 
_pdbx_entity_src_syn.details                'S peptide is a 16 residue synthetic peptide with Ala4Aib replacement' 
# 
loop_
_struct_ref.id 
_struct_ref.db_code 
_struct_ref.db_name 
_struct_ref.entity_id 
_struct_ref.pdbx_db_accession 
_struct_ref.pdbx_align_begin 
_struct_ref.pdbx_seq_one_letter_code 
_struct_ref.pdbx_db_isoform 
1 RNAS1_BOVIN UNP 1 P61823 27 KETAAAKFERQHMDS ? 
2 RNAS1_BOVIN UNP 2 P61823 50 
;NYCNQMMKSRNLTKDRCKPVNTFVHESLADVQAVCSQKNVACKNGQTNCYQSYSTMSITDCRETGSSKYPNCAYKTTQAN
KHIIVACEGNPYVPVHFDASV
;
? 
# 
loop_
_struct_ref_seq.align_id 
_struct_ref_seq.ref_id 
_struct_ref_seq.pdbx_PDB_id_code 
_struct_ref_seq.pdbx_strand_id 
_struct_ref_seq.seq_align_beg 
_struct_ref_seq.pdbx_seq_align_beg_ins_code 
_struct_ref_seq.seq_align_end 
_struct_ref_seq.pdbx_seq_align_end_ins_code 
_struct_ref_seq.pdbx_db_accession 
_struct_ref_seq.db_align_beg 
_struct_ref_seq.pdbx_db_align_beg_ins_code 
_struct_ref_seq.db_align_end 
_struct_ref_seq.pdbx_db_align_end_ins_code 
_struct_ref_seq.pdbx_auth_seq_align_beg 
_struct_ref_seq.pdbx_auth_seq_align_end 
1 1 1FEV A 1 ? 15  ? P61823 27 ? 41  ? 1  15  
2 2 1FEV B 1 ? 101 ? P61823 50 ? 150 ? 24 124 
# 
loop_
_struct_ref_seq_dif.align_id 
_struct_ref_seq_dif.pdbx_pdb_id_code 
_struct_ref_seq_dif.mon_id 
_struct_ref_seq_dif.pdbx_pdb_strand_id 
_struct_ref_seq_dif.seq_num 
_struct_ref_seq_dif.pdbx_pdb_ins_code 
_struct_ref_seq_dif.pdbx_seq_db_name 
_struct_ref_seq_dif.pdbx_seq_db_accession_code 
_struct_ref_seq_dif.db_mon_id 
_struct_ref_seq_dif.pdbx_seq_db_seq_num 
_struct_ref_seq_dif.details 
_struct_ref_seq_dif.pdbx_auth_seq_num 
_struct_ref_seq_dif.pdbx_ordinal 
1 1FEV AIB A 4  ? UNP P61823 ALA 30 'modified residue'    4  1 
1 1FEV LEU A 13 ? UNP P61823 MET 39 'engineered mutation' 13 2 
# 
loop_
_chem_comp.id 
_chem_comp.type 
_chem_comp.mon_nstd_flag 
_chem_comp.name 
_chem_comp.pdbx_synonyms 
_chem_comp.formula 
_chem_comp.formula_weight 
AIB 'L-peptide linking' n 'ALPHA-AMINOISOBUTYRIC ACID' ? 'C4 H9 N O2'     103.120 
ALA 'L-peptide linking' y ALANINE                      ? 'C3 H7 N O2'     89.093  
ARG 'L-peptide linking' y ARGININE                     ? 'C6 H15 N4 O2 1' 175.209 
ASN 'L-peptide linking' y ASPARAGINE                   ? 'C4 H8 N2 O3'    132.118 
ASP 'L-peptide linking' y 'ASPARTIC ACID'              ? 'C4 H7 N O4'     133.103 
CYS 'L-peptide linking' y CYSTEINE                     ? 'C3 H7 N O2 S'   121.158 
GLN 'L-peptide linking' y GLUTAMINE                    ? 'C5 H10 N2 O3'   146.144 
GLU 'L-peptide linking' y 'GLUTAMIC ACID'              ? 'C5 H9 N O4'     147.129 
GLY 'peptide linking'   y GLYCINE                      ? 'C2 H5 N O2'     75.067  
HIS 'L-peptide linking' y HISTIDINE                    ? 'C6 H10 N3 O2 1' 156.162 
HOH non-polymer         . WATER                        ? 'H2 O'           18.015  
ILE 'L-peptide linking' y ISOLEUCINE                   ? 'C6 H13 N O2'    131.173 
LEU 'L-peptide linking' y LEUCINE                      ? 'C6 H13 N O2'    131.173 
LYS 'L-peptide linking' y LYSINE                       ? 'C6 H15 N2 O2 1' 147.195 
MET 'L-peptide linking' y METHIONINE                   ? 'C5 H11 N O2 S'  149.211 
PHE 'L-peptide linking' y PHENYLALANINE                ? 'C9 H11 N O2'    165.189 
PRO 'L-peptide linking' y PROLINE                      ? 'C5 H9 N O2'     115.130 
SER 'L-peptide linking' y SERINE                       ? 'C3 H7 N O3'     105.093 
SO4 non-polymer         . 'SULFATE ION'                ? 'O4 S -2'        96.063  
THR 'L-peptide linking' y THREONINE                    ? 'C4 H9 N O3'     119.119 
TYR 'L-peptide linking' y TYROSINE                     ? 'C9 H11 N O3'    181.189 
VAL 'L-peptide linking' y VALINE                       ? 'C5 H11 N O2'    117.146 
# 
_exptl.entry_id          1FEV 
_exptl.method            'X-RAY DIFFRACTION' 
_exptl.crystals_number   1 
# 
_exptl_crystal.id                    1 
_exptl_crystal.density_meas          ? 
_exptl_crystal.density_percent_sol   42.78 
_exptl_crystal.density_Matthews      2.15 
_exptl_crystal.description           ? 
# 
_exptl_crystal_grow.crystal_id      1 
_exptl_crystal_grow.method          'VAPOR DIFFUSION, SITTING DROP' 
_exptl_crystal_grow.pH              5.75 
_exptl_crystal_grow.temp            298 
_exptl_crystal_grow.temp_details    ? 
_exptl_crystal_grow.pdbx_details    
'3M CsCl, 35% Ammonium Sulphate, 50 mM Sodium Acetate, pH=5.75  , VAPOR DIFFUSION, SITTING DROP, temperature 298K' 
_exptl_crystal_grow.pdbx_pH_range   ? 
# 
_diffrn.id                     1 
_diffrn.ambient_temp           298 
_diffrn.ambient_temp_details   ? 
_diffrn.crystal_id             1 
# 
_diffrn_detector.diffrn_id              1 
_diffrn_detector.detector               'IMAGE PLATE' 
_diffrn_detector.type                   MARRESEARCH 
_diffrn_detector.pdbx_collection_date   1996-08-26 
_diffrn_detector.details                ? 
# 
_diffrn_radiation.diffrn_id                        1 
_diffrn_radiation.wavelength_id                    1 
_diffrn_radiation.monochromator                    ? 
_diffrn_radiation.pdbx_monochromatic_or_laue_m_l   M 
_diffrn_radiation.pdbx_diffrn_protocol             'SINGLE WAVELENGTH' 
_diffrn_radiation.pdbx_scattering_type             x-ray 
# 
_diffrn_radiation_wavelength.id           1 
_diffrn_radiation_wavelength.wavelength   1.5418 
_diffrn_radiation_wavelength.wt           1.0 
# 
_diffrn_source.diffrn_id                   1 
_diffrn_source.source                      'ROTATING ANODE' 
_diffrn_source.type                        'RIGAKU RU200' 
_diffrn_source.pdbx_wavelength             1.5418 
_diffrn_source.pdbx_synchrotron_site       ? 
_diffrn_source.pdbx_synchrotron_beamline   ? 
_diffrn_source.pdbx_wavelength_list        ? 
# 
_reflns.entry_id                     1FEV 
_reflns.observed_criterion_sigma_I   2.0 
_reflns.observed_criterion_sigma_F   2.0 
_reflns.d_resolution_low             25.0 
_reflns.d_resolution_high            2.1 
_reflns.number_obs                   52509 
_reflns.number_all                   ? 
_reflns.percent_possible_obs         99.7 
_reflns.pdbx_Rmerge_I_obs            0.095 
_reflns.pdbx_Rsym_value              ? 
_reflns.pdbx_netI_over_sigmaI        23.3 
_reflns.B_iso_Wilson_estimate        24.2 
_reflns.pdbx_redundancy              8.26 
_reflns.R_free_details               ? 
_reflns.limit_h_max                  ? 
_reflns.limit_h_min                  ? 
_reflns.limit_k_max                  ? 
_reflns.limit_k_min                  ? 
_reflns.limit_l_max                  ? 
_reflns.limit_l_min                  ? 
_reflns.observed_criterion_F_max     ? 
_reflns.observed_criterion_F_min     ? 
_reflns.pdbx_diffrn_id               1 
_reflns.pdbx_ordinal                 1 
# 
_reflns_shell.d_res_high             2.15 
_reflns_shell.d_res_low              2.25 
_reflns_shell.percent_possible_obs   ? 
_reflns_shell.percent_possible_all   83.9 
_reflns_shell.Rmerge_I_obs           0.38 
_reflns_shell.meanI_over_sigI_obs    ? 
_reflns_shell.pdbx_Rsym_value        ? 
_reflns_shell.pdbx_redundancy        5.7 
_reflns_shell.number_unique_all      739 
_reflns_shell.pdbx_diffrn_id         ? 
_reflns_shell.pdbx_ordinal           1 
# 
_refine.entry_id                                 1FEV 
_refine.ls_number_reflns_obs                     4654 
_refine.ls_number_reflns_all                     ? 
_refine.pdbx_ls_sigma_I                          ? 
_refine.pdbx_ls_sigma_F                          1.0 
_refine.pdbx_data_cutoff_high_absF               10000000.00 
_refine.pdbx_data_cutoff_low_absF                .00 
_refine.ls_d_res_low                             10.00 
_refine.ls_d_res_high                            2.25 
_refine.ls_percent_reflns_obs                    82.3 
_refine.ls_R_factor_obs                          0.191 
_refine.ls_R_factor_all                          ? 
_refine.ls_R_factor_R_work                       0.191 
_refine.ls_R_factor_R_free                       0.229 
_refine.ls_R_factor_R_free_error                 .011 
_refine.ls_R_factor_R_free_error_details         ? 
_refine.ls_percent_reflns_R_free                 10.2 
_refine.ls_number_reflns_R_free                  476 
_refine.ls_number_parameters                     ? 
_refine.ls_number_restraints                     ? 
_refine.occupancy_min                            ? 
_refine.occupancy_max                            ? 
_refine.B_iso_mean                               17.5 
_refine.aniso_B[1][1]                            .00 
_refine.aniso_B[2][2]                            .00 
_refine.aniso_B[3][3]                            .00 
_refine.aniso_B[1][2]                            .00 
_refine.aniso_B[1][3]                            .00 
_refine.aniso_B[2][3]                            .00 
_refine.solvent_model_details                    ? 
_refine.solvent_model_param_ksol                 ? 
_refine.solvent_model_param_bsol                 ? 
_refine.pdbx_ls_cross_valid_method               THROUGHOUT 
_refine.details                                  ? 
_refine.pdbx_starting_model                      ? 
_refine.pdbx_method_to_determine_struct          ? 
_refine.pdbx_isotropic_thermal_model             RESTRAINED 
_refine.pdbx_stereochemistry_target_values       ? 
_refine.pdbx_stereochem_target_val_spec_case     ? 
_refine.pdbx_R_Free_selection_details            RANDOM 
_refine.pdbx_overall_ESU_R_Free                  ? 
_refine.overall_SU_B                             ? 
_refine.ls_redundancy_reflns_obs                 ? 
_refine.B_iso_min                                ? 
_refine.B_iso_max                                ? 
_refine.overall_SU_ML                            ? 
_refine.pdbx_overall_ESU_R                       ? 
_refine.pdbx_data_cutoff_high_rms_absF           ? 
_refine.correlation_coeff_Fo_to_Fc               ? 
_refine.correlation_coeff_Fo_to_Fc_free          ? 
_refine.overall_SU_R_Cruickshank_DPI             ? 
_refine.overall_SU_R_free                        ? 
_refine.pdbx_refine_id                           'X-RAY DIFFRACTION' 
_refine.pdbx_diffrn_id                           1 
_refine.pdbx_TLS_residual_ADP_flag               ? 
_refine.pdbx_solvent_vdw_probe_radii             ? 
_refine.pdbx_solvent_ion_probe_radii             ? 
_refine.pdbx_solvent_shrinkage_radii             ? 
_refine.pdbx_overall_phase_error                 ? 
_refine.pdbx_overall_SU_R_free_Cruickshank_DPI   ? 
_refine.pdbx_overall_SU_R_Blow_DPI               ? 
_refine.pdbx_overall_SU_R_free_Blow_DPI          ? 
# 
_refine_analyze.entry_id                        1FEV 
_refine_analyze.Luzzati_coordinate_error_obs    .30 
_refine_analyze.Luzzati_sigma_a_obs             .30 
_refine_analyze.Luzzati_d_res_low_obs           3.80 
_refine_analyze.Luzzati_coordinate_error_free   .30 
_refine_analyze.Luzzati_sigma_a_free            .24 
_refine_analyze.Luzzati_d_res_low_free          ? 
_refine_analyze.number_disordered_residues      ? 
_refine_analyze.occupancy_sum_hydrogen          ? 
_refine_analyze.occupancy_sum_non_hydrogen      ? 
_refine_analyze.pdbx_Luzzati_d_res_high_obs     ? 
_refine_analyze.pdbx_refine_id                  'X-RAY DIFFRACTION' 
# 
_refine_hist.pdbx_refine_id                   'X-RAY DIFFRACTION' 
_refine_hist.cycle_id                         LAST 
_refine_hist.pdbx_number_atoms_protein        1140 
_refine_hist.pdbx_number_atoms_nucleic_acid   0 
_refine_hist.pdbx_number_atoms_ligand         5 
_refine_hist.number_atoms_solvent             126 
_refine_hist.number_atoms_total               1271 
_refine_hist.d_res_high                       2.25 
_refine_hist.d_res_low                        10.00 
# 
loop_
_refine_ls_restr.type 
_refine_ls_restr.dev_ideal 
_refine_ls_restr.dev_ideal_target 
_refine_ls_restr.weight 
_refine_ls_restr.number 
_refine_ls_restr.pdbx_refine_id 
_refine_ls_restr.pdbx_restraint_function 
x_bond_d                .006 ?    ? ? 'X-RAY DIFFRACTION' ? 
x_bond_d_na             ?    ?    ? ? 'X-RAY DIFFRACTION' ? 
x_bond_d_prot           ?    ?    ? ? 'X-RAY DIFFRACTION' ? 
x_angle_d               ?    ?    ? ? 'X-RAY DIFFRACTION' ? 
x_angle_d_na            ?    ?    ? ? 'X-RAY DIFFRACTION' ? 
x_angle_d_prot          ?    ?    ? ? 'X-RAY DIFFRACTION' ? 
x_angle_deg             1.6  ?    ? ? 'X-RAY DIFFRACTION' ? 
x_angle_deg_na          ?    ?    ? ? 'X-RAY DIFFRACTION' ? 
x_angle_deg_prot        ?    ?    ? ? 'X-RAY DIFFRACTION' ? 
x_dihedral_angle_d      25.2 ?    ? ? 'X-RAY DIFFRACTION' ? 
x_dihedral_angle_d_na   ?    ?    ? ? 'X-RAY DIFFRACTION' ? 
x_dihedral_angle_d_prot ?    ?    ? ? 'X-RAY DIFFRACTION' ? 
x_improper_angle_d      2.13 ?    ? ? 'X-RAY DIFFRACTION' ? 
x_improper_angle_d_na   ?    ?    ? ? 'X-RAY DIFFRACTION' ? 
x_improper_angle_d_prot ?    ?    ? ? 'X-RAY DIFFRACTION' ? 
x_mcbond_it             2.37 1.50 ? ? 'X-RAY DIFFRACTION' ? 
x_mcangle_it            3.52 2.00 ? ? 'X-RAY DIFFRACTION' ? 
x_scbond_it             4.19 2.00 ? ? 'X-RAY DIFFRACTION' ? 
x_scangle_it            6.18 2.50 ? ? 'X-RAY DIFFRACTION' ? 
# 
_refine_ls_shell.pdbx_total_number_of_bins_used   7 
_refine_ls_shell.d_res_high                       2.25 
_refine_ls_shell.d_res_low                        2.37 
_refine_ls_shell.number_reflns_R_work             490 
_refine_ls_shell.R_factor_R_work                  0.305 
_refine_ls_shell.percent_reflns_obs               68.8 
_refine_ls_shell.R_factor_R_free                  0.326 
_refine_ls_shell.R_factor_R_free_error            .043 
_refine_ls_shell.percent_reflns_R_free            10.4 
_refine_ls_shell.number_reflns_R_free             57 
_refine_ls_shell.redundancy_reflns_obs            ? 
_refine_ls_shell.number_reflns_all                ? 
_refine_ls_shell.number_reflns_obs                ? 
_refine_ls_shell.pdbx_refine_id                   'X-RAY DIFFRACTION' 
_refine_ls_shell.R_factor_all                     ? 
# 
loop_
_pdbx_xplor_file.serial_no 
_pdbx_xplor_file.param_file 
_pdbx_xplor_file.topol_file 
_pdbx_xplor_file.pdbx_refine_id 
1 parhcsdx_rv.pro TOPHCSD.pro     'X-RAY DIFFRACTION' 
2 param19.sol     TOPH.SO4        'X-RAY DIFFRACTION' 
3 ?               TOPH19X_WAT.PRO 'X-RAY DIFFRACTION' 
# 
_struct.entry_id                  1FEV 
_struct.title                     'CRYSTAL STRUCTURE OF THE ALA4AIB MUTATION IN RNASE S' 
_struct.pdbx_model_details        ? 
_struct.pdbx_CASP_flag            ? 
_struct.pdbx_model_type_details   ? 
# 
_struct_keywords.entry_id        1FEV 
_struct_keywords.pdbx_keywords   HYDROLASE 
_struct_keywords.text            'alpha aminoisobutyric acid, AIB, HYDROLASE' 
# 
loop_
_struct_asym.id 
_struct_asym.pdbx_blank_PDB_chainid_flag 
_struct_asym.pdbx_modified 
_struct_asym.entity_id 
_struct_asym.details 
A N N 1 ? 
B N N 2 ? 
C N N 3 ? 
D N N 4 ? 
E N N 4 ? 
# 
loop_
_struct_biol.id 
_struct_biol.details 
_struct_biol.pdbx_parent_biol_id 
1 ? ? 
2 ? ? 
# 
loop_
_struct_conf.conf_type_id 
_struct_conf.id 
_struct_conf.pdbx_PDB_helix_id 
_struct_conf.beg_label_comp_id 
_struct_conf.beg_label_asym_id 
_struct_conf.beg_label_seq_id 
_struct_conf.pdbx_beg_PDB_ins_code 
_struct_conf.end_label_comp_id 
_struct_conf.end_label_asym_id 
_struct_conf.end_label_seq_id 
_struct_conf.pdbx_end_PDB_ins_code 
_struct_conf.beg_auth_comp_id 
_struct_conf.beg_auth_asym_id 
_struct_conf.beg_auth_seq_id 
_struct_conf.end_auth_comp_id 
_struct_conf.end_auth_asym_id 
_struct_conf.end_auth_seq_id 
_struct_conf.pdbx_PDB_helix_class 
_struct_conf.details 
_struct_conf.pdbx_PDB_helix_length 
HELX_P HELX_P1 1 ALA A 5  ? LEU A 13 ? ALA A 5  LEU A 13 1 ? 9  
HELX_P HELX_P2 2 ASN B 1  ? ARG B 10 ? ASN B 24 ARG B 33 1 ? 10 
HELX_P HELX_P3 3 SER B 27 ? ALA B 33 ? SER B 50 ALA B 56 1 ? 7  
HELX_P HELX_P4 4 VAL B 34 ? GLN B 37 ? VAL B 57 GLN B 60 5 ? 4  
# 
_struct_conf_type.id          HELX_P 
_struct_conf_type.criteria    ? 
_struct_conf_type.reference   ? 
# 
loop_
_struct_conn.id 
_struct_conn.conn_type_id 
_struct_conn.pdbx_leaving_atom_flag 
_struct_conn.pdbx_PDB_id 
_struct_conn.ptnr1_label_asym_id 
_struct_conn.ptnr1_label_comp_id 
_struct_conn.ptnr1_label_seq_id 
_struct_conn.ptnr1_label_atom_id 
_struct_conn.pdbx_ptnr1_label_alt_id 
_struct_conn.pdbx_ptnr1_PDB_ins_code 
_struct_conn.pdbx_ptnr1_standard_comp_id 
_struct_conn.ptnr1_symmetry 
_struct_conn.ptnr2_label_asym_id 
_struct_conn.ptnr2_label_comp_id 
_struct_conn.ptnr2_label_seq_id 
_struct_conn.ptnr2_label_atom_id 
_struct_conn.pdbx_ptnr2_label_alt_id 
_struct_conn.pdbx_ptnr2_PDB_ins_code 
_struct_conn.ptnr1_auth_asym_id 
_struct_conn.ptnr1_auth_comp_id 
_struct_conn.ptnr1_auth_seq_id 
_struct_conn.ptnr2_auth_asym_id 
_struct_conn.ptnr2_auth_comp_id 
_struct_conn.ptnr2_auth_seq_id 
_struct_conn.ptnr2_symmetry 
_struct_conn.pdbx_ptnr3_label_atom_id 
_struct_conn.pdbx_ptnr3_label_seq_id 
_struct_conn.pdbx_ptnr3_label_comp_id 
_struct_conn.pdbx_ptnr3_label_asym_id 
_struct_conn.pdbx_ptnr3_label_alt_id 
_struct_conn.pdbx_ptnr3_PDB_ins_code 
_struct_conn.details 
_struct_conn.pdbx_dist_value 
_struct_conn.pdbx_value_order 
_struct_conn.pdbx_role 
disulf1 disulf ?    ? B CYS 3  SG ? ? ? 1_555 B CYS 61 SG ? ? B CYS 26 B CYS 84  1_555 ? ? ? ? ? ? ? 2.032 ? ? 
disulf2 disulf ?    ? B CYS 17 SG ? ? ? 1_555 B CYS 72 SG ? ? B CYS 40 B CYS 95  1_555 ? ? ? ? ? ? ? 2.015 ? ? 
disulf3 disulf ?    ? B CYS 35 SG ? ? ? 1_555 B CYS 87 SG ? ? B CYS 58 B CYS 110 1_555 ? ? ? ? ? ? ? 2.030 ? ? 
disulf4 disulf ?    ? B CYS 42 SG ? ? ? 1_555 B CYS 49 SG ? ? B CYS 65 B CYS 72  1_555 ? ? ? ? ? ? ? 2.030 ? ? 
covale1 covale both ? A THR 3  C  ? ? ? 1_555 A AIB 4  N  ? ? A THR 3  A AIB 4   1_555 ? ? ? ? ? ? ? 1.323 ? ? 
covale2 covale both ? A AIB 4  C  ? ? ? 1_555 A ALA 5  N  ? ? A AIB 4  A ALA 5   1_555 ? ? ? ? ? ? ? 1.326 ? ? 
# 
loop_
_struct_conn_type.id 
_struct_conn_type.criteria 
_struct_conn_type.reference 
disulf ? ? 
covale ? ? 
# 
loop_
_struct_mon_prot_cis.pdbx_id 
_struct_mon_prot_cis.label_comp_id 
_struct_mon_prot_cis.label_seq_id 
_struct_mon_prot_cis.label_asym_id 
_struct_mon_prot_cis.label_alt_id 
_struct_mon_prot_cis.pdbx_PDB_ins_code 
_struct_mon_prot_cis.auth_comp_id 
_struct_mon_prot_cis.auth_seq_id 
_struct_mon_prot_cis.auth_asym_id 
_struct_mon_prot_cis.pdbx_label_comp_id_2 
_struct_mon_prot_cis.pdbx_label_seq_id_2 
_struct_mon_prot_cis.pdbx_label_asym_id_2 
_struct_mon_prot_cis.pdbx_PDB_ins_code_2 
_struct_mon_prot_cis.pdbx_auth_comp_id_2 
_struct_mon_prot_cis.pdbx_auth_seq_id_2 
_struct_mon_prot_cis.pdbx_auth_asym_id_2 
_struct_mon_prot_cis.pdbx_PDB_model_num 
_struct_mon_prot_cis.pdbx_omega_angle 
1 TYR 69 B . ? TYR 92  B PRO 70 B ? PRO 93  B 1 0.02 
2 ASN 90 B . ? ASN 113 B PRO 91 B ? PRO 114 B 1 0.30 
# 
loop_
_struct_sheet.id 
_struct_sheet.type 
_struct_sheet.number_strands 
_struct_sheet.details 
A ? 4 ? 
B ? 4 ? 
# 
loop_
_struct_sheet_order.sheet_id 
_struct_sheet_order.range_id_1 
_struct_sheet_order.range_id_2 
_struct_sheet_order.offset 
_struct_sheet_order.sense 
A 1 2 ? anti-parallel 
A 2 3 ? anti-parallel 
A 3 4 ? anti-parallel 
B 1 2 ? anti-parallel 
B 2 3 ? anti-parallel 
B 3 4 ? anti-parallel 
# 
loop_
_struct_sheet_range.sheet_id 
_struct_sheet_range.id 
_struct_sheet_range.beg_label_comp_id 
_struct_sheet_range.beg_label_asym_id 
_struct_sheet_range.beg_label_seq_id 
_struct_sheet_range.pdbx_beg_PDB_ins_code 
_struct_sheet_range.end_label_comp_id 
_struct_sheet_range.end_label_asym_id 
_struct_sheet_range.end_label_seq_id 
_struct_sheet_range.pdbx_end_PDB_ins_code 
_struct_sheet_range.beg_auth_comp_id 
_struct_sheet_range.beg_auth_asym_id 
_struct_sheet_range.beg_auth_seq_id 
_struct_sheet_range.end_auth_comp_id 
_struct_sheet_range.end_auth_asym_id 
_struct_sheet_range.end_auth_seq_id 
A 1 VAL B 93 ? VAL B 101 ? VAL B 116 VAL B 124 
A 2 TYR B 74 ? GLU B 88  ? TYR B 97  GLU B 111 
A 3 CYS B 49 ? GLN B 51  ? CYS B 72  GLN B 74  
A 4 LYS B 38 ? VAL B 40  ? LYS B 61  VAL B 63  
B 1 VAL B 93 ? VAL B 101 ? VAL B 116 VAL B 124 
B 2 TYR B 74 ? GLU B 88  ? TYR B 97  GLU B 111 
B 3 MET B 56 ? GLU B 63  ? MET B 79  GLU B 86  
B 4 VAL B 20 ? VAL B 24  ? VAL B 43  VAL B 47  
# 
loop_
_pdbx_struct_sheet_hbond.sheet_id 
_pdbx_struct_sheet_hbond.range_id_1 
_pdbx_struct_sheet_hbond.range_id_2 
_pdbx_struct_sheet_hbond.range_1_label_atom_id 
_pdbx_struct_sheet_hbond.range_1_label_comp_id 
_pdbx_struct_sheet_hbond.range_1_label_asym_id 
_pdbx_struct_sheet_hbond.range_1_label_seq_id 
_pdbx_struct_sheet_hbond.range_1_PDB_ins_code 
_pdbx_struct_sheet_hbond.range_1_auth_atom_id 
_pdbx_struct_sheet_hbond.range_1_auth_comp_id 
_pdbx_struct_sheet_hbond.range_1_auth_asym_id 
_pdbx_struct_sheet_hbond.range_1_auth_seq_id 
_pdbx_struct_sheet_hbond.range_2_label_atom_id 
_pdbx_struct_sheet_hbond.range_2_label_comp_id 
_pdbx_struct_sheet_hbond.range_2_label_asym_id 
_pdbx_struct_sheet_hbond.range_2_label_seq_id 
_pdbx_struct_sheet_hbond.range_2_PDB_ins_code 
_pdbx_struct_sheet_hbond.range_2_auth_atom_id 
_pdbx_struct_sheet_hbond.range_2_auth_comp_id 
_pdbx_struct_sheet_hbond.range_2_auth_asym_id 
_pdbx_struct_sheet_hbond.range_2_auth_seq_id 
A 1 2 N VAL B 101 ? N VAL B 124 O HIS B 82 ? O HIS B 105 
A 2 3 O VAL B 85  ? O VAL B 108 N TYR B 50 ? N TYR B 73  
A 3 4 N GLN B 51  ? N GLN B 74  O LYS B 38 ? O LYS B 61  
B 1 2 N VAL B 101 ? N VAL B 124 O HIS B 82 ? O HIS B 105 
B 2 3 O LYS B 81  ? O LYS B 104 N MET B 56 ? N MET B 79  
B 3 4 N CYS B 61  ? N CYS B 84  O ASN B 21 ? O ASN B 44  
# 
_struct_site.id                   AC1 
_struct_site.pdbx_evidence_code   Software 
_struct_site.pdbx_auth_asym_id    B 
_struct_site.pdbx_auth_comp_id    SO4 
_struct_site.pdbx_auth_seq_id     125 
_struct_site.pdbx_auth_ins_code   ? 
_struct_site.pdbx_num_residues    4 
_struct_site.details              'BINDING SITE FOR RESIDUE SO4 B 125' 
# 
loop_
_struct_site_gen.id 
_struct_site_gen.site_id 
_struct_site_gen.pdbx_num_res 
_struct_site_gen.label_comp_id 
_struct_site_gen.label_asym_id 
_struct_site_gen.label_seq_id 
_struct_site_gen.pdbx_auth_ins_code 
_struct_site_gen.auth_comp_id 
_struct_site_gen.auth_asym_id 
_struct_site_gen.auth_seq_id 
_struct_site_gen.label_atom_id 
_struct_site_gen.label_alt_id 
_struct_site_gen.symmetry 
_struct_site_gen.details 
1 AC1 4 HIS A 12 ? HIS A 12  . ? 1_555 ? 
2 AC1 4 HIS B 96 ? HIS B 119 . ? 1_555 ? 
3 AC1 4 PHE B 97 ? PHE B 120 . ? 1_555 ? 
4 AC1 4 HOH E .  ? HOH B 215 . ? 1_555 ? 
# 
_atom_sites.entry_id                    1FEV 
_atom_sites.fract_transf_matrix[1][1]   0.00665220 
_atom_sites.fract_transf_matrix[1][2]   0.02339404 
_atom_sites.fract_transf_matrix[1][3]   -0.00891012 
_atom_sites.fract_transf_matrix[2][1]   0.01041903 
_atom_sites.fract_transf_matrix[2][2]   0.00239072 
_atom_sites.fract_transf_matrix[2][3]   -0.02359326 
_atom_sites.fract_transf_matrix[3][1]   -0.00934000 
_atom_sites.fract_transf_matrix[3][2]   0.00112846 
_atom_sites.fract_transf_matrix[3][3]   -0.00401029 
_atom_sites.fract_transf_vector[1]      -0.408219 
_atom_sites.fract_transf_vector[2]      -0.216958 
_atom_sites.fract_transf_vector[3]      0.080106 
# 
loop_
_atom_type.symbol 
C 
N 
O 
S 
# 
loop_
_atom_site.group_PDB 
_atom_site.id 
_atom_site.type_symbol 
_atom_site.label_atom_id 
_atom_site.label_alt_id 
_atom_site.label_comp_id 
_atom_site.label_asym_id 
_atom_site.label_entity_id 
_atom_site.label_seq_id 
_atom_site.pdbx_PDB_ins_code 
_atom_site.Cartn_x 
_atom_site.Cartn_y 
_atom_site.Cartn_z 
_atom_site.occupancy 
_atom_site.B_iso_or_equiv 
_atom_site.pdbx_formal_charge 
_atom_site.auth_seq_id 
_atom_site.auth_comp_id 
_atom_site.auth_asym_id 
_atom_site.auth_atom_id 
_atom_site.pdbx_PDB_model_num 
ATOM   1   N N   . LYS A 1 1   ? -3.363  3.202   -19.640 1.00 53.75 ? 1   LYS A N   1 
ATOM   2   C CA  . LYS A 1 1   ? -4.070  1.883   -19.627 1.00 52.51 ? 1   LYS A CA  1 
ATOM   3   C C   . LYS A 1 1   ? -4.697  1.633   -18.253 1.00 47.18 ? 1   LYS A C   1 
ATOM   4   O O   . LYS A 1 1   ? -5.907  1.442   -18.126 1.00 46.38 ? 1   LYS A O   1 
ATOM   5   C CB  . LYS A 1 1   ? -3.079  0.756   -19.955 1.00 57.67 ? 1   LYS A CB  1 
ATOM   6   C CG  . LYS A 1 1   ? -1.691  0.948   -19.339 1.00 62.56 ? 1   LYS A CG  1 
ATOM   7   C CD  . LYS A 1 1   ? -0.696  -0.102  -19.823 1.00 63.58 ? 1   LYS A CD  1 
ATOM   8   C CE  . LYS A 1 1   ? 0.281   -0.488  -18.721 1.00 63.71 ? 1   LYS A CE  1 
ATOM   9   N NZ  . LYS A 1 1   ? 0.552   0.638   -17.778 1.00 64.67 ? 1   LYS A NZ  1 
ATOM   10  N N   . GLU A 1 2   ? -3.847  1.644   -17.235 1.00 40.56 ? 2   GLU A N   1 
ATOM   11  C CA  . GLU A 1 2   ? -4.257  1.419   -15.860 1.00 34.53 ? 2   GLU A CA  1 
ATOM   12  C C   . GLU A 1 2   ? -4.450  2.761   -15.160 1.00 31.32 ? 2   GLU A C   1 
ATOM   13  O O   . GLU A 1 2   ? -3.555  3.608   -15.149 1.00 33.29 ? 2   GLU A O   1 
ATOM   14  C CB  . GLU A 1 2   ? -3.167  0.612   -15.146 1.00 33.51 ? 2   GLU A CB  1 
ATOM   15  C CG  . GLU A 1 2   ? -3.613  -0.148  -13.913 1.00 29.83 ? 2   GLU A CG  1 
ATOM   16  C CD  . GLU A 1 2   ? -2.447  -0.722  -13.125 1.00 28.37 ? 2   GLU A CD  1 
ATOM   17  O OE1 . GLU A 1 2   ? -1.314  -0.211  -13.259 1.00 28.42 ? 2   GLU A OE1 1 
ATOM   18  O OE2 . GLU A 1 2   ? -2.669  -1.686  -12.363 1.00 25.71 ? 2   GLU A OE2 1 
ATOM   19  N N   . THR A 1 3   ? -5.625  2.962   -14.581 1.00 24.34 ? 3   THR A N   1 
ATOM   20  C CA  . THR A 1 3   ? -5.892  4.198   -13.859 1.00 23.61 ? 3   THR A CA  1 
ATOM   21  C C   . THR A 1 3   ? -5.185  4.136   -12.515 1.00 19.34 ? 3   THR A C   1 
ATOM   22  O O   . THR A 1 3   ? -4.850  3.058   -12.025 1.00 20.11 ? 3   THR A O   1 
ATOM   23  C CB  . THR A 1 3   ? -7.364  4.354   -13.540 1.00 25.51 ? 3   THR A CB  1 
ATOM   24  O OG1 . THR A 1 3   ? -7.659  3.582   -12.371 1.00 29.24 ? 3   THR A OG1 1 
ATOM   25  C CG2 . THR A 1 3   ? -8.221  3.869   -14.690 1.00 26.03 ? 3   THR A CG2 1 
HETATM 26  N N   . AIB A 1 4   ? -4.965  5.289   -11.904 1.00 17.11 ? 4   AIB A N   1 
HETATM 27  C CA  . AIB A 1 4   ? -4.316  5.309   -10.602 1.00 15.82 ? 4   AIB A CA  1 
HETATM 28  C C   . AIB A 1 4   ? -5.001  4.641   -9.429  1.00 14.96 ? 4   AIB A C   1 
HETATM 29  O O   . AIB A 1 4   ? -4.350  4.266   -8.455  1.00 17.82 ? 4   AIB A O   1 
HETATM 30  C CB1 . AIB A 1 4   ? -4.470  6.868   -10.500 1.00 16.72 ? 4   AIB A CB1 1 
HETATM 31  C CB2 . AIB A 1 4   ? -2.763  5.634   -10.537 1.00 16.51 ? 4   AIB A CB2 1 
ATOM   32  N N   . ALA A 1 5   ? -6.315  4.498   -9.542  1.00 15.38 ? 5   ALA A N   1 
ATOM   33  C CA  . ALA A 1 5   ? -7.099  3.840   -8.508  1.00 15.07 ? 5   ALA A CA  1 
ATOM   34  C C   . ALA A 1 5   ? -6.869  2.337   -8.693  1.00 12.11 ? 5   ALA A C   1 
ATOM   35  O O   . ALA A 1 5   ? -6.792  1.590   -7.723  1.00 17.84 ? 5   ALA A O   1 
ATOM   36  C CB  . ALA A 1 5   ? -8.592  4.188   -8.656  1.00 17.46 ? 5   ALA A CB  1 
ATOM   37  N N   . ALA A 1 6   ? -6.758  1.904   -9.950  1.00 11.10 ? 6   ALA A N   1 
ATOM   38  C CA  . ALA A 1 6   ? -6.502  0.499   -10.256 1.00 11.71 ? 6   ALA A CA  1 
ATOM   39  C C   . ALA A 1 6   ? -5.105  0.114   -9.779  1.00 13.45 ? 6   ALA A C   1 
ATOM   40  O O   . ALA A 1 6   ? -4.909  -0.962  -9.216  1.00 15.94 ? 6   ALA A O   1 
ATOM   41  C CB  . ALA A 1 6   ? -6.618  0.241   -11.767 1.00 7.12  ? 6   ALA A CB  1 
ATOM   42  N N   . LYS A 1 7   ? -4.133  0.995   -10.004 1.00 12.73 ? 7   LYS A N   1 
ATOM   43  C CA  . LYS A 1 7   ? -2.758  0.728   -9.599  1.00 13.25 ? 7   LYS A CA  1 
ATOM   44  C C   . LYS A 1 7   ? -2.622  0.594   -8.088  1.00 15.83 ? 7   LYS A C   1 
ATOM   45  O O   . LYS A 1 7   ? -1.926  -0.297  -7.600  1.00 15.67 ? 7   LYS A O   1 
ATOM   46  C CB  . LYS A 1 7   ? -1.844  1.839   -10.107 1.00 15.46 ? 7   LYS A CB  1 
ATOM   47  C CG  . LYS A 1 7   ? -0.371  1.543   -9.967  1.00 19.81 ? 7   LYS A CG  1 
ATOM   48  C CD  . LYS A 1 7   ? 0.452   2.763   -10.334 1.00 24.08 ? 7   LYS A CD  1 
ATOM   49  C CE  . LYS A 1 7   ? 1.854   2.675   -9.771  1.00 35.07 ? 7   LYS A CE  1 
ATOM   50  N NZ  . LYS A 1 7   ? 2.490   4.021   -9.651  1.00 42.13 ? 7   LYS A NZ  1 
ATOM   51  N N   . PHE A 1 8   ? -3.278  1.482   -7.348  1.00 15.11 ? 8   PHE A N   1 
ATOM   52  C CA  . PHE A 1 8   ? -3.225  1.419   -5.893  1.00 15.89 ? 8   PHE A CA  1 
ATOM   53  C C   . PHE A 1 8   ? -3.693  0.037   -5.465  1.00 16.51 ? 8   PHE A C   1 
ATOM   54  O O   . PHE A 1 8   ? -3.033  -0.637  -4.678  1.00 19.53 ? 8   PHE A O   1 
ATOM   55  C CB  . PHE A 1 8   ? -4.133  2.484   -5.277  1.00 17.76 ? 8   PHE A CB  1 
ATOM   56  C CG  . PHE A 1 8   ? -4.230  2.412   -3.776  1.00 18.47 ? 8   PHE A CG  1 
ATOM   57  C CD1 . PHE A 1 8   ? -3.281  3.034   -2.975  1.00 19.40 ? 8   PHE A CD1 1 
ATOM   58  C CD2 . PHE A 1 8   ? -5.269  1.719   -3.162  1.00 21.84 ? 8   PHE A CD2 1 
ATOM   59  C CE1 . PHE A 1 8   ? -3.367  2.965   -1.582  1.00 17.69 ? 8   PHE A CE1 1 
ATOM   60  C CE2 . PHE A 1 8   ? -5.362  1.643   -1.768  1.00 19.95 ? 8   PHE A CE2 1 
ATOM   61  C CZ  . PHE A 1 8   ? -4.407  2.269   -0.980  1.00 15.91 ? 8   PHE A CZ  1 
ATOM   62  N N   . GLU A 1 9   ? -4.833  -0.378  -6.013  1.00 18.40 ? 9   GLU A N   1 
ATOM   63  C CA  . GLU A 1 9   ? -5.429  -1.678  -5.705  1.00 15.49 ? 9   GLU A CA  1 
ATOM   64  C C   . GLU A 1 9   ? -4.509  -2.860  -5.990  1.00 12.70 ? 9   GLU A C   1 
ATOM   65  O O   . GLU A 1 9   ? -4.324  -3.732  -5.144  1.00 15.12 ? 9   GLU A O   1 
ATOM   66  C CB  . GLU A 1 9   ? -6.741  -1.848  -6.485  1.00 17.73 ? 9   GLU A CB  1 
ATOM   67  C CG  . GLU A 1 9   ? -7.804  -0.815  -6.150  1.00 23.87 ? 9   GLU A CG  1 
ATOM   68  C CD  . GLU A 1 9   ? -9.094  -0.995  -6.947  1.00 23.00 ? 9   GLU A CD  1 
ATOM   69  O OE1 . GLU A 1 9   ? -9.034  -1.407  -8.126  1.00 20.78 ? 9   GLU A OE1 1 
ATOM   70  O OE2 . GLU A 1 9   ? -10.176 -0.721  -6.389  1.00 30.52 ? 9   GLU A OE2 1 
ATOM   71  N N   . ARG A 1 10  ? -3.933  -2.897  -7.183  1.00 11.13 ? 10  ARG A N   1 
ATOM   72  C CA  . ARG A 1 10  ? -3.047  -3.988  -7.544  1.00 10.89 ? 10  ARG A CA  1 
ATOM   73  C C   . ARG A 1 10  ? -1.770  -3.987  -6.708  1.00 11.99 ? 10  ARG A C   1 
ATOM   74  O O   . ARG A 1 10  ? -1.239  -5.036  -6.376  1.00 14.48 ? 10  ARG A O   1 
ATOM   75  C CB  . ARG A 1 10  ? -2.680  -3.895  -9.026  1.00 6.68  ? 10  ARG A CB  1 
ATOM   76  C CG  . ARG A 1 10  ? -1.427  -4.669  -9.395  1.00 9.19  ? 10  ARG A CG  1 
ATOM   77  C CD  . ARG A 1 10  ? -1.111  -4.547  -10.873 1.00 7.87  ? 10  ARG A CD  1 
ATOM   78  N NE  . ARG A 1 10  ? -0.674  -3.198  -11.218 1.00 11.92 ? 10  ARG A NE  1 
ATOM   79  C CZ  . ARG A 1 10  ? 0.553   -2.728  -11.003 1.00 21.44 ? 10  ARG A CZ  1 
ATOM   80  N NH1 . ARG A 1 10  ? 0.860   -1.484  -11.352 1.00 18.93 ? 10  ARG A NH1 1 
ATOM   81  N NH2 . ARG A 1 10  ? 1.476   -3.498  -10.434 1.00 25.61 ? 10  ARG A NH2 1 
ATOM   82  N N   . GLN A 1 11  ? -1.285  -2.808  -6.349  1.00 11.11 ? 11  GLN A N   1 
ATOM   83  C CA  . GLN A 1 11  ? -0.048  -2.708  -5.585  1.00 11.03 ? 11  GLN A CA  1 
ATOM   84  C C   . GLN A 1 11  ? -0.164  -2.872  -4.083  1.00 9.79  ? 11  GLN A C   1 
ATOM   85  O O   . GLN A 1 11  ? 0.764   -3.369  -3.450  1.00 13.12 ? 11  GLN A O   1 
ATOM   86  C CB  . GLN A 1 11  ? 0.603   -1.359  -5.846  1.00 12.94 ? 11  GLN A CB  1 
ATOM   87  C CG  . GLN A 1 11  ? 1.672   -1.367  -6.894  1.00 24.08 ? 11  GLN A CG  1 
ATOM   88  C CD  . GLN A 1 11  ? 2.372   -0.028  -6.985  1.00 20.64 ? 11  GLN A CD  1 
ATOM   89  O OE1 . GLN A 1 11  ? 1.825   1.001   -6.578  1.00 27.76 ? 11  GLN A OE1 1 
ATOM   90  N NE2 . GLN A 1 11  ? 3.589   -0.032  -7.517  1.00 21.22 ? 11  GLN A NE2 1 
ATOM   91  N N   . HIS A 1 12  ? -1.288  -2.449  -3.506  1.00 11.77 ? 12  HIS A N   1 
ATOM   92  C CA  . HIS A 1 12  ? -1.455  -2.505  -2.054  1.00 12.06 ? 12  HIS A CA  1 
ATOM   93  C C   . HIS A 1 12  ? -2.606  -3.307  -1.467  1.00 13.14 ? 12  HIS A C   1 
ATOM   94  O O   . HIS A 1 12  ? -2.710  -3.413  -0.246  1.00 18.05 ? 12  HIS A O   1 
ATOM   95  C CB  . HIS A 1 12  ? -1.572  -1.086  -1.495  1.00 7.25  ? 12  HIS A CB  1 
ATOM   96  C CG  . HIS A 1 12  ? -0.459  -0.181  -1.909  1.00 7.24  ? 12  HIS A CG  1 
ATOM   97  N ND1 . HIS A 1 12  ? 0.857   -0.426  -1.589  1.00 12.29 ? 12  HIS A ND1 1 
ATOM   98  C CD2 . HIS A 1 12  ? -0.467  0.973   -2.617  1.00 8.20  ? 12  HIS A CD2 1 
ATOM   99  C CE1 . HIS A 1 12  ? 1.616   0.533   -2.086  1.00 12.44 ? 12  HIS A CE1 1 
ATOM   100 N NE2 . HIS A 1 12  ? 0.837   1.396   -2.714  1.00 9.32  ? 12  HIS A NE2 1 
ATOM   101 N N   . LEU A 1 13  ? -3.476  -3.859  -2.296  1.00 13.91 ? 13  LEU A N   1 
ATOM   102 C CA  . LEU A 1 13  ? -4.606  -4.593  -1.748  1.00 16.42 ? 13  LEU A CA  1 
ATOM   103 C C   . LEU A 1 13  ? -4.541  -6.115  -1.872  1.00 17.77 ? 13  LEU A C   1 
ATOM   104 O O   . LEU A 1 13  ? -4.359  -6.658  -2.960  1.00 21.28 ? 13  LEU A O   1 
ATOM   105 C CB  . LEU A 1 13  ? -5.911  -4.069  -2.367  1.00 14.78 ? 13  LEU A CB  1 
ATOM   106 C CG  . LEU A 1 13  ? -7.204  -4.533  -1.690  1.00 19.57 ? 13  LEU A CG  1 
ATOM   107 C CD1 . LEU A 1 13  ? -7.389  -3.839  -0.339  1.00 15.07 ? 13  LEU A CD1 1 
ATOM   108 C CD2 . LEU A 1 13  ? -8.376  -4.231  -2.604  1.00 22.12 ? 13  LEU A CD2 1 
ATOM   109 N N   . ASP A 1 14  ? -4.682  -6.794  -0.737  1.00 17.59 ? 14  ASP A N   1 
ATOM   110 C CA  . ASP A 1 14  ? -4.677  -8.245  -0.710  1.00 16.34 ? 14  ASP A CA  1 
ATOM   111 C C   . ASP A 1 14  ? -5.782  -8.706  0.226   1.00 16.17 ? 14  ASP A C   1 
ATOM   112 O O   . ASP A 1 14  ? -5.515  -9.156  1.336   1.00 18.87 ? 14  ASP A O   1 
ATOM   113 C CB  . ASP A 1 14  ? -3.340  -8.786  -0.221  1.00 13.26 ? 14  ASP A CB  1 
ATOM   114 C CG  . ASP A 1 14  ? -3.288  -10.305 -0.245  1.00 15.42 ? 14  ASP A CG  1 
ATOM   115 O OD1 . ASP A 1 14  ? -4.056  -10.910 -1.020  1.00 23.69 ? 14  ASP A OD1 1 
ATOM   116 O OD2 . ASP A 1 14  ? -2.491  -10.900 0.504   1.00 16.01 ? 14  ASP A OD2 1 
ATOM   117 N N   . SER A 1 15  ? -7.023  -8.590  -0.233  1.00 17.17 ? 15  SER A N   1 
ATOM   118 C CA  . SER A 1 15  ? -8.178  -8.975  0.562   1.00 23.68 ? 15  SER A CA  1 
ATOM   119 C C   . SER A 1 15  ? -8.397  -10.487 0.638   1.00 28.70 ? 15  SER A C   1 
ATOM   120 O O   . SER A 1 15  ? -8.875  -11.010 1.651   1.00 32.87 ? 15  SER A O   1 
ATOM   121 C CB  . SER A 1 15  ? -9.427  -8.303  -0.002  1.00 22.78 ? 15  SER A CB  1 
ATOM   122 O OG  . SER A 1 15  ? -9.596  -8.628  -1.369  1.00 34.51 ? 15  SER A OG  1 
ATOM   123 N N   . ASN B 2 1   ? 8.924   -16.658 0.714   1.00 29.67 ? 24  ASN B N   1 
ATOM   124 C CA  . ASN B 2 1   ? 8.007   -15.978 1.682   1.00 27.39 ? 24  ASN B CA  1 
ATOM   125 C C   . ASN B 2 1   ? 6.961   -15.135 0.961   1.00 23.55 ? 24  ASN B C   1 
ATOM   126 O O   . ASN B 2 1   ? 7.085   -14.844 -0.234  1.00 21.25 ? 24  ASN B O   1 
ATOM   127 C CB  . ASN B 2 1   ? 8.804   -15.108 2.669   1.00 29.51 ? 24  ASN B CB  1 
ATOM   128 C CG  . ASN B 2 1   ? 9.528   -13.949 1.992   1.00 33.49 ? 24  ASN B CG  1 
ATOM   129 O OD1 . ASN B 2 1   ? 8.902   -13.050 1.432   1.00 38.09 ? 24  ASN B OD1 1 
ATOM   130 N ND2 . ASN B 2 1   ? 10.853  -13.964 2.054   1.00 32.05 ? 24  ASN B ND2 1 
ATOM   131 N N   . TYR B 2 2   ? 5.928   -14.747 1.700   1.00 22.04 ? 25  TYR B N   1 
ATOM   132 C CA  . TYR B 2 2   ? 4.825   -13.951 1.164   1.00 18.65 ? 25  TYR B CA  1 
ATOM   133 C C   . TYR B 2 2   ? 5.219   -12.736 0.312   1.00 17.30 ? 25  TYR B C   1 
ATOM   134 O O   . TYR B 2 2   ? 4.661   -12.519 -0.763  1.00 17.27 ? 25  TYR B O   1 
ATOM   135 C CB  . TYR B 2 2   ? 3.932   -13.501 2.326   1.00 15.70 ? 25  TYR B CB  1 
ATOM   136 C CG  . TYR B 2 2   ? 2.850   -12.529 1.938   1.00 16.53 ? 25  TYR B CG  1 
ATOM   137 C CD1 . TYR B 2 2   ? 1.600   -12.982 1.533   1.00 16.94 ? 25  TYR B CD1 1 
ATOM   138 C CD2 . TYR B 2 2   ? 3.081   -11.149 1.964   1.00 15.56 ? 25  TYR B CD2 1 
ATOM   139 C CE1 . TYR B 2 2   ? 0.601   -12.085 1.158   1.00 19.49 ? 25  TYR B CE1 1 
ATOM   140 C CE2 . TYR B 2 2   ? 2.096   -10.249 1.592   1.00 15.91 ? 25  TYR B CE2 1 
ATOM   141 C CZ  . TYR B 2 2   ? 0.860   -10.723 1.188   1.00 18.61 ? 25  TYR B CZ  1 
ATOM   142 O OH  . TYR B 2 2   ? -0.105  -9.833  0.790   1.00 19.99 ? 25  TYR B OH  1 
ATOM   143 N N   . CYS B 2 3   ? 6.168   -11.948 0.802   1.00 14.65 ? 26  CYS B N   1 
ATOM   144 C CA  . CYS B 2 3   ? 6.618   -10.747 0.107   1.00 14.57 ? 26  CYS B CA  1 
ATOM   145 C C   . CYS B 2 3   ? 7.289   -11.027 -1.232  1.00 17.45 ? 26  CYS B C   1 
ATOM   146 O O   . CYS B 2 3   ? 7.050   -10.329 -2.212  1.00 20.82 ? 26  CYS B O   1 
ATOM   147 C CB  . CYS B 2 3   ? 7.584   -9.960  0.993   1.00 11.57 ? 26  CYS B CB  1 
ATOM   148 S SG  . CYS B 2 3   ? 6.781   -9.015  2.322   1.00 19.38 ? 26  CYS B SG  1 
ATOM   149 N N   . ASN B 2 4   ? 8.156   -12.024 -1.271  1.00 18.82 ? 27  ASN B N   1 
ATOM   150 C CA  . ASN B 2 4   ? 8.825   -12.345 -2.516  1.00 19.99 ? 27  ASN B CA  1 
ATOM   151 C C   . ASN B 2 4   ? 7.802   -12.770 -3.555  1.00 22.13 ? 27  ASN B C   1 
ATOM   152 O O   . ASN B 2 4   ? 7.917   -12.426 -4.728  1.00 22.79 ? 27  ASN B O   1 
ATOM   153 C CB  . ASN B 2 4   ? 9.832   -13.470 -2.307  1.00 23.03 ? 27  ASN B CB  1 
ATOM   154 C CG  . ASN B 2 4   ? 11.019  -13.048 -1.458  1.00 27.63 ? 27  ASN B CG  1 
ATOM   155 O OD1 . ASN B 2 4   ? 11.076  -11.930 -0.953  1.00 30.35 ? 27  ASN B OD1 1 
ATOM   156 N ND2 . ASN B 2 4   ? 11.972  -13.951 -1.294  1.00 28.93 ? 27  ASN B ND2 1 
ATOM   157 N N   . GLN B 2 5   ? 6.791   -13.513 -3.119  1.00 23.63 ? 28  GLN B N   1 
ATOM   158 C CA  . GLN B 2 5   ? 5.754   -14.007 -4.021  1.00 21.85 ? 28  GLN B CA  1 
ATOM   159 C C   . GLN B 2 5   ? 4.758   -12.950 -4.482  1.00 22.30 ? 28  GLN B C   1 
ATOM   160 O O   . GLN B 2 5   ? 4.526   -12.786 -5.681  1.00 21.28 ? 28  GLN B O   1 
ATOM   161 C CB  . GLN B 2 5   ? 4.987   -15.158 -3.362  0.57 24.46 ? 28  GLN B CB  1 
ATOM   162 C CG  . GLN B 2 5   ? 5.834   -16.044 -2.472  0.57 30.93 ? 28  GLN B CG  1 
ATOM   163 C CD  . GLN B 2 5   ? 6.440   -17.212 -3.218  0.57 35.87 ? 28  GLN B CD  1 
ATOM   164 O OE1 . GLN B 2 5   ? 7.487   -17.739 -2.828  0.57 39.17 ? 28  GLN B OE1 1 
ATOM   165 N NE2 . GLN B 2 5   ? 5.786   -17.627 -4.298  0.57 38.39 ? 28  GLN B NE2 1 
ATOM   166 N N   . MET B 2 6   ? 4.161   -12.243 -3.527  1.00 19.25 ? 29  MET B N   1 
ATOM   167 C CA  . MET B 2 6   ? 3.168   -11.217 -3.836  1.00 17.17 ? 29  MET B CA  1 
ATOM   168 C C   . MET B 2 6   ? 3.728   -10.037 -4.646  1.00 17.66 ? 29  MET B C   1 
ATOM   169 O O   . MET B 2 6   ? 3.017   -9.438  -5.463  1.00 15.67 ? 29  MET B O   1 
ATOM   170 C CB  . MET B 2 6   ? 2.529   -10.717 -2.537  0.50 11.34 ? 29  MET B CB  1 
ATOM   171 C CG  . MET B 2 6   ? 1.107   -10.216 -2.693  0.50 8.60  ? 29  MET B CG  1 
ATOM   172 S SD  . MET B 2 6   ? -0.036  -11.411 -3.397  0.50 3.79  ? 29  MET B SD  1 
ATOM   173 C CE  . MET B 2 6   ? 0.295   -12.821 -2.444  0.50 7.85  ? 29  MET B CE  1 
ATOM   174 N N   . MET B 2 7   ? 5.000   -9.715  -4.425  1.00 17.91 ? 30  MET B N   1 
ATOM   175 C CA  . MET B 2 7   ? 5.643   -8.614  -5.133  1.00 15.42 ? 30  MET B CA  1 
ATOM   176 C C   . MET B 2 7   ? 5.872   -8.962  -6.599  1.00 16.91 ? 30  MET B C   1 
ATOM   177 O O   . MET B 2 7   ? 5.812   -8.096  -7.470  1.00 14.54 ? 30  MET B O   1 
ATOM   178 C CB  . MET B 2 7   ? 6.979   -8.262  -4.471  1.00 17.88 ? 30  MET B CB  1 
ATOM   179 C CG  . MET B 2 7   ? 6.858   -7.709  -3.052  1.00 18.56 ? 30  MET B CG  1 
ATOM   180 S SD  . MET B 2 7   ? 6.409   -5.970  -2.972  1.00 21.01 ? 30  MET B SD  1 
ATOM   181 C CE  . MET B 2 7   ? 7.969   -5.176  -3.360  1.00 6.98  ? 30  MET B CE  1 
ATOM   182 N N   . LYS B 2 8   ? 6.151   -10.228 -6.875  1.00 20.03 ? 31  LYS B N   1 
ATOM   183 C CA  . LYS B 2 8   ? 6.357   -10.649 -8.254  1.00 23.01 ? 31  LYS B CA  1 
ATOM   184 C C   . LYS B 2 8   ? 4.997   -10.917 -8.881  1.00 21.99 ? 31  LYS B C   1 
ATOM   185 O O   . LYS B 2 8   ? 4.738   -10.540 -10.025 1.00 22.02 ? 31  LYS B O   1 
ATOM   186 C CB  . LYS B 2 8   ? 7.201   -11.916 -8.306  1.00 27.16 ? 31  LYS B CB  1 
ATOM   187 C CG  . LYS B 2 8   ? 8.226   -11.898 -9.425  1.00 39.71 ? 31  LYS B CG  1 
ATOM   188 C CD  . LYS B 2 8   ? 8.530   -13.299 -9.925  1.00 48.12 ? 31  LYS B CD  1 
ATOM   189 C CE  . LYS B 2 8   ? 9.224   -13.260 -11.279 1.00 52.85 ? 31  LYS B CE  1 
ATOM   190 N NZ  . LYS B 2 8   ? 8.300   -13.622 -12.396 1.00 58.62 ? 31  LYS B NZ  1 
ATOM   191 N N   . SER B 2 9   ? 4.129   -11.558 -8.105  1.00 20.67 ? 32  SER B N   1 
ATOM   192 C CA  . SER B 2 9   ? 2.784   -11.895 -8.546  1.00 20.05 ? 32  SER B CA  1 
ATOM   193 C C   . SER B 2 9   ? 1.980   -10.660 -8.954  1.00 19.05 ? 32  SER B C   1 
ATOM   194 O O   . SER B 2 9   ? 1.196   -10.710 -9.904  1.00 20.13 ? 32  SER B O   1 
ATOM   195 C CB  . SER B 2 9   ? 2.047   -12.641 -7.433  0.60 18.19 ? 32  SER B CB  1 
ATOM   196 O OG  . SER B 2 9   ? 0.648   -12.440 -7.534  0.60 23.92 ? 32  SER B OG  1 
ATOM   197 N N   . ARG B 2 10  ? 2.176   -9.553  -8.241  1.00 18.77 ? 33  ARG B N   1 
ATOM   198 C CA  . ARG B 2 10  ? 1.452   -8.328  -8.550  1.00 16.71 ? 33  ARG B CA  1 
ATOM   199 C C   . ARG B 2 10  ? 2.209   -7.403  -9.500  1.00 20.36 ? 33  ARG B C   1 
ATOM   200 O O   . ARG B 2 10  ? 1.886   -6.215  -9.610  1.00 21.82 ? 33  ARG B O   1 
ATOM   201 C CB  . ARG B 2 10  ? 1.094   -7.578  -7.264  1.00 15.57 ? 33  ARG B CB  1 
ATOM   202 C CG  . ARG B 2 10  ? 0.096   -8.316  -6.383  1.00 12.24 ? 33  ARG B CG  1 
ATOM   203 C CD  . ARG B 2 10  ? -1.289  -8.409  -7.031  1.00 11.16 ? 33  ARG B CD  1 
ATOM   204 N NE  . ARG B 2 10  ? -2.268  -8.993  -6.117  1.00 16.43 ? 33  ARG B NE  1 
ATOM   205 C CZ  . ARG B 2 10  ? -3.064  -8.294  -5.312  1.00 14.17 ? 33  ARG B CZ  1 
ATOM   206 N NH1 . ARG B 2 10  ? -3.917  -8.928  -4.519  1.00 11.79 ? 33  ARG B NH1 1 
ATOM   207 N NH2 . ARG B 2 10  ? -3.026  -6.963  -5.305  1.00 9.11  ? 33  ARG B NH2 1 
ATOM   208 N N   . ASN B 2 11  ? 3.216   -7.945  -10.182 1.00 22.62 ? 34  ASN B N   1 
ATOM   209 C CA  . ASN B 2 11  ? 3.988   -7.167  -11.152 1.00 19.62 ? 34  ASN B CA  1 
ATOM   210 C C   . ASN B 2 11  ? 4.728   -5.976  -10.535 1.00 19.14 ? 34  ASN B C   1 
ATOM   211 O O   . ASN B 2 11  ? 4.814   -4.899  -11.134 1.00 14.72 ? 34  ASN B O   1 
ATOM   212 C CB  . ASN B 2 11  ? 3.053   -6.678  -12.270 1.00 21.59 ? 34  ASN B CB  1 
ATOM   213 C CG  . ASN B 2 11  ? 3.794   -5.990  -13.409 1.00 23.67 ? 34  ASN B CG  1 
ATOM   214 O OD1 . ASN B 2 11  ? 3.174   -5.395  -14.293 1.00 26.22 ? 34  ASN B OD1 1 
ATOM   215 N ND2 . ASN B 2 11  ? 5.120   -6.072  -13.394 1.00 24.32 ? 34  ASN B ND2 1 
ATOM   216 N N   . LEU B 2 12  ? 5.258   -6.166  -9.333  1.00 19.17 ? 35  LEU B N   1 
ATOM   217 C CA  . LEU B 2 12  ? 5.988   -5.095  -8.676  1.00 15.36 ? 35  LEU B CA  1 
ATOM   218 C C   . LEU B 2 12  ? 7.481   -5.323  -8.868  1.00 17.40 ? 35  LEU B C   1 
ATOM   219 O O   . LEU B 2 12  ? 8.235   -4.381  -9.100  1.00 18.33 ? 35  LEU B O   1 
ATOM   220 C CB  . LEU B 2 12  ? 5.659   -5.058  -7.177  0.50 9.62  ? 35  LEU B CB  1 
ATOM   221 C CG  . LEU B 2 12  ? 4.411   -4.285  -6.744  0.50 2.00  ? 35  LEU B CG  1 
ATOM   222 C CD1 . LEU B 2 12  ? 3.457   -5.212  -6.031  0.50 2.00  ? 35  LEU B CD1 1 
ATOM   223 C CD2 . LEU B 2 12  ? 4.810   -3.135  -5.846  0.50 2.24  ? 35  LEU B CD2 1 
ATOM   224 N N   . THR B 2 13  ? 7.904   -6.580  -8.786  1.00 17.59 ? 36  THR B N   1 
ATOM   225 C CA  . THR B 2 13  ? 9.315   -6.895  -8.929  1.00 19.21 ? 36  THR B CA  1 
ATOM   226 C C   . THR B 2 13  ? 9.614   -7.828  -10.089 1.00 21.24 ? 36  THR B C   1 
ATOM   227 O O   . THR B 2 13  ? 10.542  -8.634  -10.023 1.00 21.63 ? 36  THR B O   1 
ATOM   228 C CB  . THR B 2 13  ? 9.887   -7.523  -7.633  1.00 17.65 ? 36  THR B CB  1 
ATOM   229 O OG1 . THR B 2 13  ? 9.237   -8.772  -7.375  1.00 22.62 ? 36  THR B OG1 1 
ATOM   230 C CG2 . THR B 2 13  ? 9.687   -6.583  -6.448  1.00 18.13 ? 36  THR B CG2 1 
ATOM   231 N N   . LYS B 2 14  ? 8.828   -7.720  -11.152 1.00 22.01 ? 37  LYS B N   1 
ATOM   232 C CA  . LYS B 2 14  ? 9.047   -8.555  -12.319 1.00 21.38 ? 37  LYS B CA  1 
ATOM   233 C C   . LYS B 2 14  ? 10.106  -7.937  -13.214 1.00 19.64 ? 37  LYS B C   1 
ATOM   234 O O   . LYS B 2 14  ? 10.771  -8.645  -13.969 1.00 23.13 ? 37  LYS B O   1 
ATOM   235 C CB  . LYS B 2 14  ? 7.747   -8.737  -13.106 1.00 23.76 ? 37  LYS B CB  1 
ATOM   236 C CG  . LYS B 2 14  ? 6.853   -9.826  -12.535 1.00 27.28 ? 37  LYS B CG  1 
ATOM   237 C CD  . LYS B 2 14  ? 5.808   -10.297 -13.529 1.00 24.69 ? 37  LYS B CD  1 
ATOM   238 C CE  . LYS B 2 14  ? 5.415   -11.738 -13.236 1.00 25.41 ? 37  LYS B CE  1 
ATOM   239 N NZ  . LYS B 2 14  ? 4.017   -12.057 -13.647 1.00 23.64 ? 37  LYS B NZ  1 
ATOM   240 N N   . ASP B 2 15  ? 10.273  -6.618  -13.128 1.00 21.63 ? 38  ASP B N   1 
ATOM   241 C CA  . ASP B 2 15  ? 11.254  -5.921  -13.959 1.00 21.61 ? 38  ASP B CA  1 
ATOM   242 C C   . ASP B 2 15  ? 12.200  -5.055  -13.148 1.00 20.09 ? 38  ASP B C   1 
ATOM   243 O O   . ASP B 2 15  ? 12.932  -4.245  -13.704 1.00 15.73 ? 38  ASP B O   1 
ATOM   244 C CB  . ASP B 2 15  ? 10.550  -5.045  -15.002 1.00 23.85 ? 38  ASP B CB  1 
ATOM   245 C CG  . ASP B 2 15  ? 9.520   -4.106  -14.384 1.00 23.77 ? 38  ASP B CG  1 
ATOM   246 O OD1 . ASP B 2 15  ? 9.406   -4.052  -13.141 1.00 25.19 ? 38  ASP B OD1 1 
ATOM   247 O OD2 . ASP B 2 15  ? 8.813   -3.418  -15.153 1.00 31.61 ? 38  ASP B OD2 1 
ATOM   248 N N   . ARG B 2 16  ? 12.179  -5.231  -11.835 1.00 18.51 ? 39  ARG B N   1 
ATOM   249 C CA  . ARG B 2 16  ? 13.037  -4.460  -10.958 1.00 20.82 ? 39  ARG B CA  1 
ATOM   250 C C   . ARG B 2 16  ? 12.813  -4.899  -9.526  1.00 19.10 ? 39  ARG B C   1 
ATOM   251 O O   . ARG B 2 16  ? 11.927  -5.703  -9.255  1.00 21.80 ? 39  ARG B O   1 
ATOM   252 C CB  . ARG B 2 16  ? 12.722  -2.969  -11.087 1.00 24.09 ? 39  ARG B CB  1 
ATOM   253 C CG  . ARG B 2 16  ? 11.718  -2.451  -10.068 1.00 34.21 ? 39  ARG B CG  1 
ATOM   254 C CD  . ARG B 2 16  ? 10.726  -1.506  -10.706 1.00 44.96 ? 39  ARG B CD  1 
ATOM   255 N NE  . ARG B 2 16  ? 9.349   -1.955  -10.511 1.00 57.62 ? 39  ARG B NE  1 
ATOM   256 C CZ  . ARG B 2 16  ? 8.421   -1.974  -11.467 1.00 63.40 ? 39  ARG B CZ  1 
ATOM   257 N NH1 . ARG B 2 16  ? 7.192   -2.402  -11.191 1.00 62.38 ? 39  ARG B NH1 1 
ATOM   258 N NH2 . ARG B 2 16  ? 8.718   -1.560  -12.698 1.00 63.01 ? 39  ARG B NH2 1 
ATOM   259 N N   . CYS B 2 17  ? 13.630  -4.376  -8.615  1.00 16.98 ? 40  CYS B N   1 
ATOM   260 C CA  . CYS B 2 17  ? 13.490  -4.686  -7.205  1.00 21.18 ? 40  CYS B CA  1 
ATOM   261 C C   . CYS B 2 17  ? 13.011  -3.412  -6.538  1.00 19.64 ? 40  CYS B C   1 
ATOM   262 O O   . CYS B 2 17  ? 13.731  -2.422  -6.514  1.00 18.83 ? 40  CYS B O   1 
ATOM   263 C CB  . CYS B 2 17  ? 14.828  -5.091  -6.578  1.00 17.06 ? 40  CYS B CB  1 
ATOM   264 S SG  . CYS B 2 17  ? 15.505  -6.727  -7.018  1.00 21.04 ? 40  CYS B SG  1 
ATOM   265 N N   . LYS B 2 18  ? 11.784  -3.428  -6.027  1.00 22.60 ? 41  LYS B N   1 
ATOM   266 C CA  . LYS B 2 18  ? 11.222  -2.280  -5.326  1.00 18.42 ? 41  LYS B CA  1 
ATOM   267 C C   . LYS B 2 18  ? 11.707  -2.444  -3.883  1.00 16.92 ? 41  LYS B C   1 
ATOM   268 O O   . LYS B 2 18  ? 11.534  -3.501  -3.289  1.00 25.62 ? 41  LYS B O   1 
ATOM   269 C CB  . LYS B 2 18  ? 9.699   -2.331  -5.398  1.00 25.32 ? 41  LYS B CB  1 
ATOM   270 C CG  . LYS B 2 18  ? 9.032   -0.978  -5.439  1.00 26.63 ? 41  LYS B CG  1 
ATOM   271 C CD  . LYS B 2 18  ? 7.555   -1.083  -5.062  1.00 33.77 ? 41  LYS B CD  1 
ATOM   272 C CE  . LYS B 2 18  ? 6.912   0.302   -4.918  1.00 37.33 ? 41  LYS B CE  1 
ATOM   273 N NZ  . LYS B 2 18  ? 5.554   0.265   -4.283  1.00 32.91 ? 41  LYS B NZ  1 
ATOM   274 N N   . PRO B 2 19  ? 12.328  -1.404  -3.304  1.00 17.45 ? 42  PRO B N   1 
ATOM   275 C CA  . PRO B 2 19  ? 12.833  -1.487  -1.927  1.00 17.66 ? 42  PRO B CA  1 
ATOM   276 C C   . PRO B 2 19  ? 11.815  -1.754  -0.825  1.00 17.18 ? 42  PRO B C   1 
ATOM   277 O O   . PRO B 2 19  ? 12.120  -2.447  0.148   1.00 19.37 ? 42  PRO B O   1 
ATOM   278 C CB  . PRO B 2 19  ? 13.560  -0.155  -1.721  1.00 18.22 ? 42  PRO B CB  1 
ATOM   279 C CG  . PRO B 2 19  ? 12.983  0.759   -2.726  1.00 18.51 ? 42  PRO B CG  1 
ATOM   280 C CD  . PRO B 2 19  ? 12.597  -0.088  -3.908  1.00 17.10 ? 42  PRO B CD  1 
ATOM   281 N N   . VAL B 2 20  ? 10.617  -1.198  -0.963  1.00 13.58 ? 43  VAL B N   1 
ATOM   282 C CA  . VAL B 2 20  ? 9.602   -1.396  0.054   1.00 17.38 ? 43  VAL B CA  1 
ATOM   283 C C   . VAL B 2 20  ? 8.196   -1.219  -0.496  1.00 17.47 ? 43  VAL B C   1 
ATOM   284 O O   . VAL B 2 20  ? 7.977   -0.431  -1.408  1.00 14.98 ? 43  VAL B O   1 
ATOM   285 C CB  . VAL B 2 20  ? 9.835   -0.427  1.247   0.50 11.68 ? 43  VAL B CB  1 
ATOM   286 C CG1 . VAL B 2 20  ? 9.865   0.996   0.762   0.50 4.93  ? 43  VAL B CG1 1 
ATOM   287 C CG2 . VAL B 2 20  ? 8.763   -0.618  2.300   0.50 13.80 ? 43  VAL B CG2 1 
ATOM   288 N N   . ASN B 2 21  ? 7.256   -1.985  0.054   1.00 18.94 ? 44  ASN B N   1 
ATOM   289 C CA  . ASN B 2 21  ? 5.849   -1.930  -0.342  1.00 19.35 ? 44  ASN B CA  1 
ATOM   290 C C   . ASN B 2 21  ? 4.984   -2.485  0.794   1.00 17.17 ? 44  ASN B C   1 
ATOM   291 O O   . ASN B 2 21  ? 5.452   -3.324  1.563   1.00 19.54 ? 44  ASN B O   1 
ATOM   292 C CB  . ASN B 2 21  ? 5.621   -2.750  -1.620  1.00 19.27 ? 44  ASN B CB  1 
ATOM   293 C CG  . ASN B 2 21  ? 4.200   -2.611  -2.158  1.00 15.90 ? 44  ASN B CG  1 
ATOM   294 O OD1 . ASN B 2 21  ? 3.772   -1.520  -2.548  1.00 13.11 ? 44  ASN B OD1 1 
ATOM   295 N ND2 . ASN B 2 21  ? 3.466   -3.715  -2.180  1.00 16.22 ? 44  ASN B ND2 1 
ATOM   296 N N   . THR B 2 22  ? 3.738   -2.015  0.897   1.00 12.00 ? 45  THR B N   1 
ATOM   297 C CA  . THR B 2 22  ? 2.814   -2.477  1.934   1.00 11.84 ? 45  THR B CA  1 
ATOM   298 C C   . THR B 2 22  ? 1.507   -3.033  1.364   1.00 12.32 ? 45  THR B C   1 
ATOM   299 O O   . THR B 2 22  ? 0.908   -2.435  0.465   1.00 13.29 ? 45  THR B O   1 
ATOM   300 C CB  . THR B 2 22  ? 2.445   -1.340  2.910   1.00 13.25 ? 45  THR B CB  1 
ATOM   301 O OG1 . THR B 2 22  ? 3.636   -0.793  3.476   1.00 12.56 ? 45  THR B OG1 1 
ATOM   302 C CG2 . THR B 2 22  ? 1.559   -1.857  4.033   1.00 16.82 ? 45  THR B CG2 1 
ATOM   303 N N   . PHE B 2 23  ? 1.074   -4.178  1.894   1.00 12.38 ? 46  PHE B N   1 
ATOM   304 C CA  . PHE B 2 23  ? -0.176  -4.813  1.476   1.00 10.97 ? 46  PHE B CA  1 
ATOM   305 C C   . PHE B 2 23  ? -1.181  -4.722  2.620   1.00 12.10 ? 46  PHE B C   1 
ATOM   306 O O   . PHE B 2 23  ? -0.822  -4.934  3.780   1.00 8.75  ? 46  PHE B O   1 
ATOM   307 C CB  . PHE B 2 23  ? 0.038   -6.293  1.136   1.00 9.79  ? 46  PHE B CB  1 
ATOM   308 C CG  . PHE B 2 23  ? 0.888   -6.523  -0.078  1.00 7.63  ? 46  PHE B CG  1 
ATOM   309 C CD1 . PHE B 2 23  ? 0.341   -6.423  -1.350  1.00 9.50  ? 46  PHE B CD1 1 
ATOM   310 C CD2 . PHE B 2 23  ? 2.240   -6.845  0.052   1.00 14.23 ? 46  PHE B CD2 1 
ATOM   311 C CE1 . PHE B 2 23  ? 1.128   -6.636  -2.481  1.00 9.86  ? 46  PHE B CE1 1 
ATOM   312 C CE2 . PHE B 2 23  ? 3.032   -7.059  -1.067  1.00 8.67  ? 46  PHE B CE2 1 
ATOM   313 C CZ  . PHE B 2 23  ? 2.477   -6.956  -2.339  1.00 9.96  ? 46  PHE B CZ  1 
ATOM   314 N N   . VAL B 2 24  ? -2.432  -4.405  2.293   1.00 11.26 ? 47  VAL B N   1 
ATOM   315 C CA  . VAL B 2 24  ? -3.495  -4.306  3.297   1.00 11.05 ? 47  VAL B CA  1 
ATOM   316 C C   . VAL B 2 24  ? -4.411  -5.517  3.137   1.00 10.18 ? 47  VAL B C   1 
ATOM   317 O O   . VAL B 2 24  ? -4.907  -5.801  2.042   1.00 10.34 ? 47  VAL B O   1 
ATOM   318 C CB  . VAL B 2 24  ? -4.337  -3.001  3.130   1.00 9.15  ? 47  VAL B CB  1 
ATOM   319 C CG1 . VAL B 2 24  ? -5.181  -2.756  4.370   1.00 9.97  ? 47  VAL B CG1 1 
ATOM   320 C CG2 . VAL B 2 24  ? -3.424  -1.822  2.903   1.00 9.52  ? 47  VAL B CG2 1 
ATOM   321 N N   . HIS B 2 25  ? -4.620  -6.238  4.231   1.00 14.47 ? 48  HIS B N   1 
ATOM   322 C CA  . HIS B 2 25  ? -5.460  -7.428  4.205   1.00 15.65 ? 48  HIS B CA  1 
ATOM   323 C C   . HIS B 2 25  ? -6.865  -7.122  4.689   1.00 16.39 ? 48  HIS B C   1 
ATOM   324 O O   . HIS B 2 25  ? -7.318  -7.663  5.699   1.00 22.02 ? 48  HIS B O   1 
ATOM   325 C CB  . HIS B 2 25  ? -4.842  -8.537  5.062   1.00 18.41 ? 48  HIS B CB  1 
ATOM   326 C CG  . HIS B 2 25  ? -3.397  -8.786  4.768   1.00 18.40 ? 48  HIS B CG  1 
ATOM   327 N ND1 . HIS B 2 25  ? -2.970  -9.476  3.652   1.00 19.88 ? 48  HIS B ND1 1 
ATOM   328 C CD2 . HIS B 2 25  ? -2.274  -8.414  5.428   1.00 19.37 ? 48  HIS B CD2 1 
ATOM   329 C CE1 . HIS B 2 25  ? -1.650  -9.517  3.637   1.00 18.47 ? 48  HIS B CE1 1 
ATOM   330 N NE2 . HIS B 2 25  ? -1.204  -8.879  4.704   1.00 15.43 ? 48  HIS B NE2 1 
ATOM   331 N N   . GLU B 2 26  ? -7.551  -6.253  3.954   1.00 16.55 ? 49  GLU B N   1 
ATOM   332 C CA  . GLU B 2 26  ? -8.917  -5.866  4.280   1.00 16.18 ? 49  GLU B CA  1 
ATOM   333 C C   . GLU B 2 26  ? -9.702  -5.840  2.976   1.00 16.44 ? 49  GLU B C   1 
ATOM   334 O O   . GLU B 2 26  ? -9.109  -5.902  1.898   1.00 14.17 ? 49  GLU B O   1 
ATOM   335 C CB  . GLU B 2 26  ? -8.934  -4.483  4.945   1.00 13.59 ? 49  GLU B CB  1 
ATOM   336 C CG  . GLU B 2 26  ? -8.039  -4.371  6.178   1.00 14.57 ? 49  GLU B CG  1 
ATOM   337 C CD  . GLU B 2 26  ? -8.605  -5.094  7.402   1.00 17.32 ? 49  GLU B CD  1 
ATOM   338 O OE1 . GLU B 2 26  ? -7.840  -5.321  8.366   1.00 17.40 ? 49  GLU B OE1 1 
ATOM   339 O OE2 . GLU B 2 26  ? -9.813  -5.428  7.405   1.00 17.97 ? 49  GLU B OE2 1 
ATOM   340 N N   . SER B 2 27  ? -11.025 -5.750  3.063   1.00 16.45 ? 50  SER B N   1 
ATOM   341 C CA  . SER B 2 27  ? -11.855 -5.727  1.866   1.00 15.36 ? 50  SER B CA  1 
ATOM   342 C C   . SER B 2 27  ? -11.687 -4.410  1.121   1.00 13.89 ? 50  SER B C   1 
ATOM   343 O O   . SER B 2 27  ? -11.418 -3.379  1.728   1.00 16.24 ? 50  SER B O   1 
ATOM   344 C CB  . SER B 2 27  ? -13.324 -5.946  2.239   1.00 15.63 ? 50  SER B CB  1 
ATOM   345 O OG  . SER B 2 27  ? -13.915 -4.762  2.757   1.00 21.41 ? 50  SER B OG  1 
ATOM   346 N N   . LEU B 2 28  ? -11.849 -4.444  -0.198  1.00 14.95 ? 51  LEU B N   1 
ATOM   347 C CA  . LEU B 2 28  ? -11.693 -3.237  -1.011  1.00 13.89 ? 51  LEU B CA  1 
ATOM   348 C C   . LEU B 2 28  ? -12.568 -2.072  -0.568  1.00 12.67 ? 51  LEU B C   1 
ATOM   349 O O   . LEU B 2 28  ? -12.102 -0.933  -0.514  1.00 15.16 ? 51  LEU B O   1 
ATOM   350 C CB  . LEU B 2 28  ? -11.971 -3.540  -2.489  1.00 16.36 ? 51  LEU B CB  1 
ATOM   351 C CG  . LEU B 2 28  ? -11.900 -2.331  -3.436  1.00 21.25 ? 51  LEU B CG  1 
ATOM   352 C CD1 . LEU B 2 28  ? -10.480 -1.779  -3.502  1.00 25.26 ? 51  LEU B CD1 1 
ATOM   353 C CD2 . LEU B 2 28  ? -12.361 -2.740  -4.811  1.00 21.03 ? 51  LEU B CD2 1 
ATOM   354 N N   . ALA B 2 29  ? -13.830 -2.354  -0.258  1.00 12.93 ? 52  ALA B N   1 
ATOM   355 C CA  . ALA B 2 29  ? -14.773 -1.316  0.164   1.00 12.76 ? 52  ALA B CA  1 
ATOM   356 C C   . ALA B 2 29  ? -14.425 -0.719  1.520   1.00 11.22 ? 52  ALA B C   1 
ATOM   357 O O   . ALA B 2 29  ? -14.633 0.459   1.760   1.00 13.73 ? 52  ALA B O   1 
ATOM   358 C CB  . ALA B 2 29  ? -16.190 -1.876  0.188   1.00 12.97 ? 52  ALA B CB  1 
ATOM   359 N N   . ASP B 2 30  ? -13.884 -1.542  2.404   1.00 10.66 ? 53  ASP B N   1 
ATOM   360 C CA  . ASP B 2 30  ? -13.503 -1.091  3.734   1.00 12.61 ? 53  ASP B CA  1 
ATOM   361 C C   . ASP B 2 30  ? -12.320 -0.130  3.656   1.00 13.56 ? 53  ASP B C   1 
ATOM   362 O O   . ASP B 2 30  ? -12.185 0.776   4.473   1.00 14.03 ? 53  ASP B O   1 
ATOM   363 C CB  . ASP B 2 30  ? -13.105 -2.294  4.591   1.00 16.83 ? 53  ASP B CB  1 
ATOM   364 C CG  . ASP B 2 30  ? -14.299 -3.065  5.105   1.00 21.61 ? 53  ASP B CG  1 
ATOM   365 O OD1 . ASP B 2 30  ? -15.442 -2.700  4.763   1.00 20.39 ? 53  ASP B OD1 1 
ATOM   366 O OD2 . ASP B 2 30  ? -14.090 -4.042  5.856   1.00 19.65 ? 53  ASP B OD2 1 
ATOM   367 N N   . VAL B 2 31  ? -11.444 -0.355  2.683   1.00 16.30 ? 54  VAL B N   1 
ATOM   368 C CA  . VAL B 2 31  ? -10.266 0.486   2.508   1.00 16.53 ? 54  VAL B CA  1 
ATOM   369 C C   . VAL B 2 31  ? -10.652 1.775   1.790   1.00 16.16 ? 54  VAL B C   1 
ATOM   370 O O   . VAL B 2 31  ? -10.079 2.831   2.058   1.00 20.71 ? 54  VAL B O   1 
ATOM   371 C CB  . VAL B 2 31  ? -9.172  -0.269  1.713   1.00 15.94 ? 54  VAL B CB  1 
ATOM   372 C CG1 . VAL B 2 31  ? -7.964  0.636   1.473   1.00 12.69 ? 54  VAL B CG1 1 
ATOM   373 C CG2 . VAL B 2 31  ? -8.758  -1.517  2.488   1.00 12.29 ? 54  VAL B CG2 1 
ATOM   374 N N   . GLN B 2 32  ? -11.628 1.686   0.888   1.00 15.70 ? 55  GLN B N   1 
ATOM   375 C CA  . GLN B 2 32  ? -12.098 2.863   0.156   1.00 16.25 ? 55  GLN B CA  1 
ATOM   376 C C   . GLN B 2 32  ? -12.879 3.771   1.111   1.00 13.50 ? 55  GLN B C   1 
ATOM   377 O O   . GLN B 2 32  ? -12.867 4.992   0.978   1.00 16.04 ? 55  GLN B O   1 
ATOM   378 C CB  . GLN B 2 32  ? -12.990 2.443   -1.021  1.00 21.28 ? 55  GLN B CB  1 
ATOM   379 C CG  . GLN B 2 32  ? -12.221 1.923   -2.226  1.00 22.20 ? 55  GLN B CG  1 
ATOM   380 C CD  . GLN B 2 32  ? -13.120 1.351   -3.305  1.00 25.38 ? 55  GLN B CD  1 
ATOM   381 O OE1 . GLN B 2 32  ? -14.162 0.771   -3.020  1.00 30.11 ? 55  GLN B OE1 1 
ATOM   382 N NE2 . GLN B 2 32  ? -12.714 1.511   -4.556  1.00 26.24 ? 55  GLN B NE2 1 
ATOM   383 N N   . ALA B 2 33  ? -13.548 3.164   2.086   1.00 10.72 ? 56  ALA B N   1 
ATOM   384 C CA  . ALA B 2 33  ? -14.317 3.918   3.066   1.00 11.94 ? 56  ALA B CA  1 
ATOM   385 C C   . ALA B 2 33  ? -13.423 4.884   3.846   1.00 10.10 ? 56  ALA B C   1 
ATOM   386 O O   . ALA B 2 33  ? -13.913 5.847   4.441   1.00 9.92  ? 56  ALA B O   1 
ATOM   387 C CB  . ALA B 2 33  ? -15.005 2.964   4.030   1.00 7.00  ? 56  ALA B CB  1 
ATOM   388 N N   . VAL B 2 34  ? -12.115 4.633   3.846   1.00 12.19 ? 57  VAL B N   1 
ATOM   389 C CA  . VAL B 2 34  ? -11.187 5.487   4.587   1.00 10.58 ? 57  VAL B CA  1 
ATOM   390 C C   . VAL B 2 34  ? -11.154 6.910   4.038   1.00 13.17 ? 57  VAL B C   1 
ATOM   391 O O   . VAL B 2 34  ? -10.772 7.837   4.746   1.00 17.43 ? 57  VAL B O   1 
ATOM   392 C CB  . VAL B 2 34  ? -9.735  4.902   4.579   1.00 9.48  ? 57  VAL B CB  1 
ATOM   393 C CG1 . VAL B 2 34  ? -8.766  5.837   5.312   1.00 4.93  ? 57  VAL B CG1 1 
ATOM   394 C CG2 . VAL B 2 34  ? -9.718  3.554   5.260   1.00 7.46  ? 57  VAL B CG2 1 
ATOM   395 N N   . CYS B 2 35  ? -11.562 7.088   2.783   1.00 13.46 ? 58  CYS B N   1 
ATOM   396 C CA  . CYS B 2 35  ? -11.539 8.414   2.172   1.00 14.78 ? 58  CYS B CA  1 
ATOM   397 C C   . CYS B 2 35  ? -12.541 9.395   2.755   1.00 13.47 ? 58  CYS B C   1 
ATOM   398 O O   . CYS B 2 35  ? -12.547 10.566  2.394   1.00 14.69 ? 58  CYS B O   1 
ATOM   399 C CB  . CYS B 2 35  ? -11.751 8.308   0.665   1.00 12.20 ? 58  CYS B CB  1 
ATOM   400 S SG  . CYS B 2 35  ? -10.329 7.553   -0.163  1.00 16.72 ? 58  CYS B SG  1 
ATOM   401 N N   . SER B 2 36  ? -13.392 8.919   3.652   1.00 13.08 ? 59  SER B N   1 
ATOM   402 C CA  . SER B 2 36  ? -14.354 9.804   4.281   1.00 13.92 ? 59  SER B CA  1 
ATOM   403 C C   . SER B 2 36  ? -14.178 9.726   5.791   1.00 13.49 ? 59  SER B C   1 
ATOM   404 O O   . SER B 2 36  ? -15.076 10.057  6.551   1.00 13.69 ? 59  SER B O   1 
ATOM   405 C CB  . SER B 2 36  ? -15.780 9.418   3.882   1.00 13.69 ? 59  SER B CB  1 
ATOM   406 O OG  . SER B 2 36  ? -16.010 8.033   4.074   1.00 13.84 ? 59  SER B OG  1 
ATOM   407 N N   . GLN B 2 37  ? -13.010 9.281   6.231   1.00 15.24 ? 60  GLN B N   1 
ATOM   408 C CA  . GLN B 2 37  ? -12.757 9.185   7.656   1.00 19.36 ? 60  GLN B CA  1 
ATOM   409 C C   . GLN B 2 37  ? -11.956 10.390  8.167   1.00 22.13 ? 60  GLN B C   1 
ATOM   410 O O   . GLN B 2 37  ? -12.302 11.530  7.849   1.00 28.15 ? 60  GLN B O   1 
ATOM   411 C CB  . GLN B 2 37  ? -12.094 7.833   7.973   1.00 11.81 ? 60  GLN B CB  1 
ATOM   412 C CG  . GLN B 2 37  ? -13.076 6.690   7.691   1.00 13.83 ? 60  GLN B CG  1 
ATOM   413 C CD  . GLN B 2 37  ? -12.590 5.304   8.073   1.00 13.83 ? 60  GLN B CD  1 
ATOM   414 O OE1 . GLN B 2 37  ? -11.613 5.149   8.799   1.00 20.28 ? 60  GLN B OE1 1 
ATOM   415 N NE2 . GLN B 2 37  ? -13.288 4.281   7.581   1.00 14.96 ? 60  GLN B NE2 1 
ATOM   416 N N   . LYS B 2 38  ? -10.900 10.161  8.940   1.00 23.42 ? 61  LYS B N   1 
ATOM   417 C CA  . LYS B 2 38  ? -10.125 11.267  9.497   1.00 19.61 ? 61  LYS B CA  1 
ATOM   418 C C   . LYS B 2 38  ? -9.209  12.016  8.531   1.00 22.28 ? 61  LYS B C   1 
ATOM   419 O O   . LYS B 2 38  ? -8.182  11.497  8.111   1.00 20.74 ? 61  LYS B O   1 
ATOM   420 C CB  . LYS B 2 38  ? -9.297  10.759  10.671  1.00 23.98 ? 61  LYS B CB  1 
ATOM   421 C CG  . LYS B 2 38  ? -9.227  11.720  11.834  1.00 29.73 ? 61  LYS B CG  1 
ATOM   422 C CD  . LYS B 2 38  ? -8.299  12.877  11.537  1.00 33.31 ? 61  LYS B CD  1 
ATOM   423 C CE  . LYS B 2 38  ? -8.528  14.018  12.519  1.00 39.77 ? 61  LYS B CE  1 
ATOM   424 N NZ  . LYS B 2 38  ? -9.927  14.543  12.470  1.00 45.18 ? 61  LYS B NZ  1 
ATOM   425 N N   . ASN B 2 39  ? -9.574  13.243  8.186   1.00 21.78 ? 62  ASN B N   1 
ATOM   426 C CA  . ASN B 2 39  ? -8.732  14.019  7.291   1.00 23.66 ? 62  ASN B CA  1 
ATOM   427 C C   . ASN B 2 39  ? -7.482  14.514  8.013   1.00 22.25 ? 62  ASN B C   1 
ATOM   428 O O   . ASN B 2 39  ? -7.536  14.986  9.147   1.00 25.78 ? 62  ASN B O   1 
ATOM   429 C CB  . ASN B 2 39  ? -9.487  15.219  6.720   1.00 21.40 ? 62  ASN B CB  1 
ATOM   430 C CG  . ASN B 2 39  ? -8.654  15.999  5.711   1.00 28.16 ? 62  ASN B CG  1 
ATOM   431 O OD1 . ASN B 2 39  ? -8.705  17.230  5.662   1.00 32.48 ? 62  ASN B OD1 1 
ATOM   432 N ND2 . ASN B 2 39  ? -7.880  15.283  4.903   1.00 21.46 ? 62  ASN B ND2 1 
ATOM   433 N N   . VAL B 2 40  ? -6.348  14.394  7.347   1.00 21.55 ? 63  VAL B N   1 
ATOM   434 C CA  . VAL B 2 40  ? -5.088  14.832  7.908   1.00 22.33 ? 63  VAL B CA  1 
ATOM   435 C C   . VAL B 2 40  ? -4.281  15.279  6.707   1.00 23.67 ? 63  VAL B C   1 
ATOM   436 O O   . VAL B 2 40  ? -4.736  15.130  5.570   1.00 26.00 ? 63  VAL B O   1 
ATOM   437 C CB  . VAL B 2 40  ? -4.352  13.673  8.658   1.00 18.73 ? 63  VAL B CB  1 
ATOM   438 C CG1 . VAL B 2 40  ? -5.189  13.193  9.849   1.00 12.08 ? 63  VAL B CG1 1 
ATOM   439 C CG2 . VAL B 2 40  ? -4.060  12.520  7.706   1.00 12.14 ? 63  VAL B CG2 1 
ATOM   440 N N   . ALA B 2 41  ? -3.103  15.843  6.943   1.00 23.98 ? 64  ALA B N   1 
ATOM   441 C CA  . ALA B 2 41  ? -2.256  16.292  5.841   1.00 25.20 ? 64  ALA B CA  1 
ATOM   442 C C   . ALA B 2 41  ? -1.263  15.193  5.465   1.00 23.40 ? 64  ALA B C   1 
ATOM   443 O O   . ALA B 2 41  ? -0.866  14.391  6.304   1.00 24.83 ? 64  ALA B O   1 
ATOM   444 C CB  . ALA B 2 41  ? -1.515  17.571  6.233   1.00 28.26 ? 64  ALA B CB  1 
ATOM   445 N N   . CYS B 2 42  ? -0.879  15.152  4.196   1.00 21.82 ? 65  CYS B N   1 
ATOM   446 C CA  . CYS B 2 42  ? 0.071   14.160  3.713   1.00 23.31 ? 65  CYS B CA  1 
ATOM   447 C C   . CYS B 2 42  ? 1.487   14.644  4.012   1.00 25.50 ? 65  CYS B C   1 
ATOM   448 O O   . CYS B 2 42  ? 1.680   15.798  4.383   1.00 27.29 ? 65  CYS B O   1 
ATOM   449 C CB  . CYS B 2 42  ? -0.104  13.963  2.205   1.00 17.59 ? 65  CYS B CB  1 
ATOM   450 S SG  . CYS B 2 42  ? -1.839  13.882  1.646   1.00 19.00 ? 65  CYS B SG  1 
ATOM   451 N N   . LYS B 2 43  ? 2.470   13.759  3.857   1.00 27.58 ? 66  LYS B N   1 
ATOM   452 C CA  . LYS B 2 43  ? 3.874   14.099  4.094   1.00 31.26 ? 66  LYS B CA  1 
ATOM   453 C C   . LYS B 2 43  ? 4.284   15.318  3.275   1.00 33.19 ? 66  LYS B C   1 
ATOM   454 O O   . LYS B 2 43  ? 5.027   16.184  3.741   1.00 35.72 ? 66  LYS B O   1 
ATOM   455 C CB  . LYS B 2 43  ? 4.769   12.930  3.694   1.00 33.26 ? 66  LYS B CB  1 
ATOM   456 C CG  . LYS B 2 43  ? 4.925   11.872  4.750   1.00 42.33 ? 66  LYS B CG  1 
ATOM   457 C CD  . LYS B 2 43  ? 5.404   10.562  4.137   1.00 53.80 ? 66  LYS B CD  1 
ATOM   458 C CE  . LYS B 2 43  ? 6.896   10.601  3.806   1.00 59.55 ? 66  LYS B CE  1 
ATOM   459 N NZ  . LYS B 2 43  ? 7.370   9.358   3.110   1.00 62.18 ? 66  LYS B NZ  1 
ATOM   460 N N   . ASN B 2 44  ? 3.794   15.370  2.045   1.00 34.53 ? 67  ASN B N   1 
ATOM   461 C CA  . ASN B 2 44  ? 4.105   16.457  1.129   1.00 37.84 ? 67  ASN B CA  1 
ATOM   462 C C   . ASN B 2 44  ? 3.334   17.722  1.466   1.00 38.50 ? 67  ASN B C   1 
ATOM   463 O O   . ASN B 2 44  ? 3.401   18.713  0.733   1.00 33.58 ? 67  ASN B O   1 
ATOM   464 C CB  . ASN B 2 44  ? 3.769   16.034  -0.298  1.00 42.97 ? 67  ASN B CB  1 
ATOM   465 C CG  . ASN B 2 44  ? 2.407   15.371  -0.399  1.00 47.24 ? 67  ASN B CG  1 
ATOM   466 O OD1 . ASN B 2 44  ? 2.222   14.232  0.041   1.00 51.74 ? 67  ASN B OD1 1 
ATOM   467 N ND2 . ASN B 2 44  ? 1.443   16.080  -0.970  1.00 46.19 ? 67  ASN B ND2 1 
ATOM   468 N N   . GLY B 2 45  ? 2.590   17.686  2.566   1.00 41.01 ? 68  GLY B N   1 
ATOM   469 C CA  . GLY B 2 45  ? 1.823   18.850  2.964   1.00 40.91 ? 68  GLY B CA  1 
ATOM   470 C C   . GLY B 2 45  ? 0.378   18.843  2.508   1.00 43.77 ? 68  GLY B C   1 
ATOM   471 O O   . GLY B 2 45  ? -0.505  19.226  3.276   1.00 47.62 ? 68  GLY B O   1 
ATOM   472 N N   . GLN B 2 46  ? 0.131   18.418  1.268   1.00 44.04 ? 69  GLN B N   1 
ATOM   473 C CA  . GLN B 2 46  ? -1.230  18.373  0.719   1.00 41.87 ? 69  GLN B CA  1 
ATOM   474 C C   . GLN B 2 46  ? -2.178  17.757  1.741   1.00 38.93 ? 69  GLN B C   1 
ATOM   475 O O   . GLN B 2 46  ? -1.808  16.819  2.437   1.00 40.50 ? 69  GLN B O   1 
ATOM   476 C CB  . GLN B 2 46  ? -1.257  17.550  -0.572  0.40 41.85 ? 69  GLN B CB  1 
ATOM   477 C CG  . GLN B 2 46  ? -0.789  18.311  -1.802  0.40 41.75 ? 69  GLN B CG  1 
ATOM   478 C CD  . GLN B 2 46  ? -1.746  19.420  -2.211  0.40 42.50 ? 69  GLN B CD  1 
ATOM   479 O OE1 . GLN B 2 46  ? -1.955  20.383  -1.472  0.40 42.94 ? 69  GLN B OE1 1 
ATOM   480 N NE2 . GLN B 2 46  ? -2.329  19.287  -3.395  0.40 41.10 ? 69  GLN B NE2 1 
ATOM   481 N N   . THR B 2 47  ? -3.399  18.270  1.832   1.00 35.55 ? 70  THR B N   1 
ATOM   482 C CA  . THR B 2 47  ? -4.335  17.741  2.817   1.00 36.94 ? 70  THR B CA  1 
ATOM   483 C C   . THR B 2 47  ? -5.503  16.917  2.289   1.00 33.10 ? 70  THR B C   1 
ATOM   484 O O   . THR B 2 47  ? -6.638  17.063  2.746   1.00 29.34 ? 70  THR B O   1 
ATOM   485 C CB  . THR B 2 47  ? -4.901  18.864  3.705   1.00 39.41 ? 70  THR B CB  1 
ATOM   486 O OG1 . THR B 2 47  ? -5.548  19.850  2.888   1.00 35.11 ? 70  THR B OG1 1 
ATOM   487 C CG2 . THR B 2 47  ? -3.779  19.506  4.517   1.00 39.93 ? 70  THR B CG2 1 
ATOM   488 N N   . ASN B 2 48  ? -5.222  16.045  1.330   1.00 29.18 ? 71  ASN B N   1 
ATOM   489 C CA  . ASN B 2 48  ? -6.255  15.178  0.793   1.00 23.83 ? 71  ASN B CA  1 
ATOM   490 C C   . ASN B 2 48  ? -5.981  13.781  1.324   1.00 20.32 ? 71  ASN B C   1 
ATOM   491 O O   . ASN B 2 48  ? -6.300  12.789  0.678   1.00 23.82 ? 71  ASN B O   1 
ATOM   492 C CB  . ASN B 2 48  ? -6.224  15.176  -0.733  1.00 25.43 ? 71  ASN B CB  1 
ATOM   493 C CG  . ASN B 2 48  ? -4.920  14.653  -1.285  1.00 27.42 ? 71  ASN B CG  1 
ATOM   494 O OD1 . ASN B 2 48  ? -3.843  14.972  -0.773  1.00 33.20 ? 71  ASN B OD1 1 
ATOM   495 N ND2 . ASN B 2 48  ? -5.004  13.847  -2.347  1.00 23.54 ? 71  ASN B ND2 1 
ATOM   496 N N   . CYS B 2 49  ? -5.373  13.711  2.506   1.00 20.69 ? 72  CYS B N   1 
ATOM   497 C CA  . CYS B 2 49  ? -5.066  12.431  3.130   1.00 16.22 ? 72  CYS B CA  1 
ATOM   498 C C   . CYS B 2 49  ? -6.037  12.133  4.272   1.00 17.74 ? 72  CYS B C   1 
ATOM   499 O O   . CYS B 2 49  ? -6.621  13.049  4.865   1.00 14.78 ? 72  CYS B O   1 
ATOM   500 C CB  . CYS B 2 49  ? -3.632  12.422  3.630   1.00 19.06 ? 72  CYS B CB  1 
ATOM   501 S SG  . CYS B 2 49  ? -2.455  12.058  2.293   1.00 19.89 ? 72  CYS B SG  1 
ATOM   502 N N   . TYR B 2 50  ? -6.227  10.844  4.550   1.00 14.61 ? 73  TYR B N   1 
ATOM   503 C CA  . TYR B 2 50  ? -7.143  10.400  5.587   1.00 14.83 ? 73  TYR B CA  1 
ATOM   504 C C   . TYR B 2 50  ? -6.568  9.225   6.347   1.00 15.21 ? 73  TYR B C   1 
ATOM   505 O O   . TYR B 2 50  ? -6.006  8.301   5.761   1.00 14.99 ? 73  TYR B O   1 
ATOM   506 C CB  . TYR B 2 50  ? -8.488  9.996   4.970   1.00 17.33 ? 73  TYR B CB  1 
ATOM   507 C CG  . TYR B 2 50  ? -9.152  11.114  4.205   1.00 22.27 ? 73  TYR B CG  1 
ATOM   508 C CD1 . TYR B 2 50  ? -10.184 11.849  4.774   1.00 21.86 ? 73  TYR B CD1 1 
ATOM   509 C CD2 . TYR B 2 50  ? -8.694  11.490  2.942   1.00 21.99 ? 73  TYR B CD2 1 
ATOM   510 C CE1 . TYR B 2 50  ? -10.739 12.942  4.108   1.00 22.63 ? 73  TYR B CE1 1 
ATOM   511 C CE2 . TYR B 2 50  ? -9.238  12.574  2.271   1.00 22.78 ? 73  TYR B CE2 1 
ATOM   512 C CZ  . TYR B 2 50  ? -10.259 13.298  2.860   1.00 22.55 ? 73  TYR B CZ  1 
ATOM   513 O OH  . TYR B 2 50  ? -10.795 14.386  2.207   1.00 25.46 ? 73  TYR B OH  1 
ATOM   514 N N   . GLN B 2 51  ? -6.729  9.266   7.661   1.00 16.83 ? 74  GLN B N   1 
ATOM   515 C CA  . GLN B 2 51  ? -6.236  8.227   8.542   1.00 17.20 ? 74  GLN B CA  1 
ATOM   516 C C   . GLN B 2 51  ? -7.402  7.347   8.967   1.00 16.62 ? 74  GLN B C   1 
ATOM   517 O O   . GLN B 2 51  ? -8.473  7.852   9.289   1.00 19.92 ? 74  GLN B O   1 
ATOM   518 C CB  . GLN B 2 51  ? -5.589  8.867   9.769   1.00 18.39 ? 74  GLN B CB  1 
ATOM   519 C CG  . GLN B 2 51  ? -4.978  7.880   10.730  1.00 18.07 ? 74  GLN B CG  1 
ATOM   520 C CD  . GLN B 2 51  ? -4.160  8.554   11.809  1.00 19.36 ? 74  GLN B CD  1 
ATOM   521 O OE1 . GLN B 2 51  ? -4.262  8.204   12.980  1.00 25.52 ? 74  GLN B OE1 1 
ATOM   522 N NE2 . GLN B 2 51  ? -3.338  9.522   11.421  1.00 18.69 ? 74  GLN B NE2 1 
ATOM   523 N N   . SER B 2 52  ? -7.197  6.035   8.967   1.00 15.69 ? 75  SER B N   1 
ATOM   524 C CA  . SER B 2 52  ? -8.260  5.123   9.355   1.00 15.01 ? 75  SER B CA  1 
ATOM   525 C C   . SER B 2 52  ? -8.543  5.220   10.848  1.00 13.47 ? 75  SER B C   1 
ATOM   526 O O   . SER B 2 52  ? -7.628  5.331   11.668  1.00 13.88 ? 75  SER B O   1 
ATOM   527 C CB  . SER B 2 52  ? -7.904  3.680   8.976   1.00 17.22 ? 75  SER B CB  1 
ATOM   528 O OG  . SER B 2 52  ? -6.707  3.256   9.592   1.00 18.10 ? 75  SER B OG  1 
ATOM   529 N N   . TYR B 2 53  ? -9.825  5.187   11.195  1.00 12.29 ? 76  TYR B N   1 
ATOM   530 C CA  . TYR B 2 53  ? -10.225 5.265   12.589  1.00 12.71 ? 76  TYR B CA  1 
ATOM   531 C C   . TYR B 2 53  ? -9.593  4.102   13.331  1.00 13.58 ? 76  TYR B C   1 
ATOM   532 O O   . TYR B 2 53  ? -9.034  4.278   14.415  1.00 17.45 ? 76  TYR B O   1 
ATOM   533 C CB  . TYR B 2 53  ? -11.749 5.186   12.715  1.00 15.01 ? 76  TYR B CB  1 
ATOM   534 C CG  . TYR B 2 53  ? -12.479 6.418   12.231  1.00 12.23 ? 76  TYR B CG  1 
ATOM   535 C CD1 . TYR B 2 53  ? -12.051 7.696   12.585  1.00 14.71 ? 76  TYR B CD1 1 
ATOM   536 C CD2 . TYR B 2 53  ? -13.611 6.303   11.429  1.00 8.46  ? 76  TYR B CD2 1 
ATOM   537 C CE1 . TYR B 2 53  ? -12.742 8.831   12.150  1.00 14.53 ? 76  TYR B CE1 1 
ATOM   538 C CE2 . TYR B 2 53  ? -14.297 7.418   10.995  1.00 8.65  ? 76  TYR B CE2 1 
ATOM   539 C CZ  . TYR B 2 53  ? -13.865 8.677   11.357  1.00 10.70 ? 76  TYR B CZ  1 
ATOM   540 O OH  . TYR B 2 53  ? -14.575 9.777   10.936  1.00 11.52 ? 76  TYR B OH  1 
ATOM   541 N N   . SER B 2 54  ? -9.678  2.912   12.742  1.00 16.50 ? 77  SER B N   1 
ATOM   542 C CA  . SER B 2 54  ? -9.113  1.718   13.362  1.00 15.24 ? 77  SER B CA  1 
ATOM   543 C C   . SER B 2 54  ? -7.867  1.207   12.634  1.00 14.30 ? 77  SER B C   1 
ATOM   544 O O   . SER B 2 54  ? -7.546  1.640   11.522  1.00 12.63 ? 77  SER B O   1 
ATOM   545 C CB  . SER B 2 54  ? -10.164 0.603   13.426  0.65 18.02 ? 77  SER B CB  1 
ATOM   546 O OG  . SER B 2 54  ? -10.732 0.366   12.148  0.65 23.60 ? 77  SER B OG  1 
ATOM   547 N N   . THR B 2 55  ? -7.165  0.292   13.293  1.00 15.07 ? 78  THR B N   1 
ATOM   548 C CA  . THR B 2 55  ? -5.963  -0.296  12.745  1.00 14.24 ? 78  THR B CA  1 
ATOM   549 C C   . THR B 2 55  ? -6.396  -1.384  11.772  1.00 16.65 ? 78  THR B C   1 
ATOM   550 O O   . THR B 2 55  ? -7.494  -1.924  11.888  1.00 21.26 ? 78  THR B O   1 
ATOM   551 C CB  . THR B 2 55  ? -5.091  -0.898  13.867  1.00 11.99 ? 78  THR B CB  1 
ATOM   552 O OG1 . THR B 2 55  ? -5.859  -1.840  14.620  1.00 16.92 ? 78  THR B OG1 1 
ATOM   553 C CG2 . THR B 2 55  ? -4.618  0.200   14.817  1.00 9.20  ? 78  THR B CG2 1 
ATOM   554 N N   . MET B 2 56  ? -5.545  -1.681  10.797  1.00 15.19 ? 79  MET B N   1 
ATOM   555 C CA  . MET B 2 56  ? -5.858  -2.698  9.809   1.00 13.70 ? 79  MET B CA  1 
ATOM   556 C C   . MET B 2 56  ? -4.697  -3.677  9.712   1.00 13.21 ? 79  MET B C   1 
ATOM   557 O O   . MET B 2 56  ? -3.565  -3.338  10.038  1.00 11.10 ? 79  MET B O   1 
ATOM   558 C CB  . MET B 2 56  ? -6.129  -2.046  8.449   1.00 16.09 ? 79  MET B CB  1 
ATOM   559 C CG  . MET B 2 56  ? -7.382  -1.157  8.437   1.00 16.48 ? 79  MET B CG  1 
ATOM   560 S SD  . MET B 2 56  ? -7.773  -0.456  6.812   1.00 23.16 ? 79  MET B SD  1 
ATOM   561 C CE  . MET B 2 56  ? -9.397  0.148   7.092   1.00 23.45 ? 79  MET B CE  1 
ATOM   562 N N   . SER B 2 57  ? -4.995  -4.898  9.285   1.00 14.76 ? 80  SER B N   1 
ATOM   563 C CA  . SER B 2 57  ? -3.983  -5.936  9.128   1.00 13.53 ? 80  SER B CA  1 
ATOM   564 C C   . SER B 2 57  ? -3.119  -5.605  7.915   1.00 14.73 ? 80  SER B C   1 
ATOM   565 O O   . SER B 2 57  ? -3.633  -5.386  6.819   1.00 15.93 ? 80  SER B O   1 
ATOM   566 C CB  . SER B 2 57  ? -4.664  -7.293  8.927   1.00 16.14 ? 80  SER B CB  1 
ATOM   567 O OG  . SER B 2 57  ? -3.715  -8.341  8.875   1.00 12.91 ? 80  SER B OG  1 
ATOM   568 N N   . ILE B 2 58  ? -1.807  -5.565  8.097   1.00 14.44 ? 81  ILE B N   1 
ATOM   569 C CA  . ILE B 2 58  ? -0.925  -5.233  6.988   1.00 18.05 ? 81  ILE B CA  1 
ATOM   570 C C   . ILE B 2 58  ? 0.393   -5.981  7.017   1.00 18.08 ? 81  ILE B C   1 
ATOM   571 O O   . ILE B 2 58  ? 0.849   -6.411  8.067   1.00 18.57 ? 81  ILE B O   1 
ATOM   572 C CB  . ILE B 2 58  ? -0.580  -3.730  6.969   1.00 20.42 ? 81  ILE B CB  1 
ATOM   573 C CG1 . ILE B 2 58  ? 0.443   -3.420  8.059   1.00 24.22 ? 81  ILE B CG1 1 
ATOM   574 C CG2 . ILE B 2 58  ? -1.827  -2.888  7.171   1.00 27.93 ? 81  ILE B CG2 1 
ATOM   575 C CD1 . ILE B 2 58  ? 1.420   -2.356  7.651   1.00 30.61 ? 81  ILE B CD1 1 
ATOM   576 N N   . THR B 2 59  ? 1.008   -6.130  5.852   1.00 16.22 ? 82  THR B N   1 
ATOM   577 C CA  . THR B 2 59  ? 2.300   -6.786  5.781   1.00 18.75 ? 82  THR B CA  1 
ATOM   578 C C   . THR B 2 59  ? 3.276   -5.825  5.139   1.00 19.88 ? 82  THR B C   1 
ATOM   579 O O   . THR B 2 59  ? 3.045   -5.335  4.034   1.00 24.95 ? 82  THR B O   1 
ATOM   580 C CB  . THR B 2 59  ? 2.274   -8.066  4.936   1.00 14.92 ? 82  THR B CB  1 
ATOM   581 O OG1 . THR B 2 59  ? 1.301   -8.975  5.464   1.00 19.92 ? 82  THR B OG1 1 
ATOM   582 C CG2 . THR B 2 59  ? 3.650   -8.727  4.960   1.00 14.65 ? 82  THR B CG2 1 
ATOM   583 N N   . ASP B 2 60  ? 4.359   -5.542  5.851   1.00 20.23 ? 83  ASP B N   1 
ATOM   584 C CA  . ASP B 2 60  ? 5.383   -4.659  5.339   1.00 16.06 ? 83  ASP B CA  1 
ATOM   585 C C   . ASP B 2 60  ? 6.452   -5.482  4.632   1.00 19.42 ? 83  ASP B C   1 
ATOM   586 O O   . ASP B 2 60  ? 7.005   -6.418  5.203   1.00 18.47 ? 83  ASP B O   1 
ATOM   587 C CB  . ASP B 2 60  ? 6.019   -3.864  6.468   0.45 13.97 ? 83  ASP B CB  1 
ATOM   588 C CG  . ASP B 2 60  ? 6.500   -2.521  6.012   0.45 10.83 ? 83  ASP B CG  1 
ATOM   589 O OD1 . ASP B 2 60  ? 7.672   -2.426  5.599   0.45 9.74  ? 83  ASP B OD1 1 
ATOM   590 O OD2 . ASP B 2 60  ? 5.702   -1.560  6.050   0.45 12.21 ? 83  ASP B OD2 1 
ATOM   591 N N   . CYS B 2 61  ? 6.729   -5.140  3.379   1.00 18.54 ? 84  CYS B N   1 
ATOM   592 C CA  . CYS B 2 61  ? 7.737   -5.849  2.609   1.00 22.84 ? 84  CYS B CA  1 
ATOM   593 C C   . CYS B 2 61  ? 8.981   -4.978  2.479   1.00 23.08 ? 84  CYS B C   1 
ATOM   594 O O   . CYS B 2 61  ? 8.918   -3.879  1.923   1.00 21.79 ? 84  CYS B O   1 
ATOM   595 C CB  . CYS B 2 61  ? 7.167   -6.203  1.239   1.00 16.39 ? 84  CYS B CB  1 
ATOM   596 S SG  . CYS B 2 61  ? 5.869   -7.473  1.361   1.00 16.26 ? 84  CYS B SG  1 
ATOM   597 N N   . ARG B 2 62  ? 10.104  -5.480  2.995   1.00 22.70 ? 85  ARG B N   1 
ATOM   598 C CA  . ARG B 2 62  ? 11.367  -4.744  2.984   1.00 20.09 ? 85  ARG B CA  1 
ATOM   599 C C   . ARG B 2 62  ? 12.561  -5.509  2.405   1.00 21.79 ? 85  ARG B C   1 
ATOM   600 O O   . ARG B 2 62  ? 12.870  -6.624  2.825   1.00 18.68 ? 85  ARG B O   1 
ATOM   601 C CB  . ARG B 2 62  ? 11.697  -4.315  4.410   0.25 16.40 ? 85  ARG B CB  1 
ATOM   602 C CG  . ARG B 2 62  ? 12.751  -3.257  4.497   0.25 10.98 ? 85  ARG B CG  1 
ATOM   603 C CD  . ARG B 2 62  ? 12.214  -2.059  5.229   0.25 11.11 ? 85  ARG B CD  1 
ATOM   604 N NE  . ARG B 2 62  ? 12.970  -0.864  4.888   0.25 5.73  ? 85  ARG B NE  1 
ATOM   605 C CZ  . ARG B 2 62  ? 12.492  0.369   4.980   0.25 2.00  ? 85  ARG B CZ  1 
ATOM   606 N NH1 . ARG B 2 62  ? 13.256  1.393   4.646   0.25 2.00  ? 85  ARG B NH1 1 
ATOM   607 N NH2 . ARG B 2 62  ? 11.257  0.575   5.408   0.25 2.00  ? 85  ARG B NH2 1 
ATOM   608 N N   . GLU B 2 63  ? 13.242  -4.891  1.445   1.00 21.91 ? 86  GLU B N   1 
ATOM   609 C CA  . GLU B 2 63  ? 14.407  -5.501  0.815   1.00 26.70 ? 86  GLU B CA  1 
ATOM   610 C C   . GLU B 2 63  ? 15.572  -5.655  1.787   1.00 26.75 ? 86  GLU B C   1 
ATOM   611 O O   . GLU B 2 63  ? 15.896  -4.722  2.512   1.00 30.78 ? 86  GLU B O   1 
ATOM   612 C CB  . GLU B 2 63  ? 14.873  -4.631  -0.340  1.00 23.03 ? 86  GLU B CB  1 
ATOM   613 C CG  . GLU B 2 63  ? 14.600  -5.190  -1.697  1.00 26.49 ? 86  GLU B CG  1 
ATOM   614 C CD  . GLU B 2 63  ? 15.420  -4.498  -2.742  1.00 26.78 ? 86  GLU B CD  1 
ATOM   615 O OE1 . GLU B 2 63  ? 16.084  -5.207  -3.519  1.00 24.47 ? 86  GLU B OE1 1 
ATOM   616 O OE2 . GLU B 2 63  ? 15.406  -3.249  -2.781  1.00 15.19 ? 86  GLU B OE2 1 
ATOM   617 N N   . THR B 2 64  ? 16.209  -6.820  1.800   1.00 27.49 ? 87  THR B N   1 
ATOM   618 C CA  . THR B 2 64  ? 17.360  -7.007  2.680   1.00 29.88 ? 87  THR B CA  1 
ATOM   619 C C   . THR B 2 64  ? 18.558  -6.250  2.093   1.00 30.89 ? 87  THR B C   1 
ATOM   620 O O   . THR B 2 64  ? 18.480  -5.693  0.995   1.00 25.72 ? 87  THR B O   1 
ATOM   621 C CB  . THR B 2 64  ? 17.745  -8.498  2.841   1.00 30.60 ? 87  THR B CB  1 
ATOM   622 O OG1 . THR B 2 64  ? 18.157  -9.037  1.580   1.00 27.46 ? 87  THR B OG1 1 
ATOM   623 C CG2 . THR B 2 64  ? 16.571  -9.290  3.363   1.00 36.87 ? 87  THR B CG2 1 
ATOM   624 N N   . GLY B 2 65  ? 19.663  -6.227  2.828   1.00 35.93 ? 88  GLY B N   1 
ATOM   625 C CA  . GLY B 2 65  ? 20.844  -5.522  2.358   1.00 35.06 ? 88  GLY B CA  1 
ATOM   626 C C   . GLY B 2 65  ? 21.575  -6.261  1.254   1.00 36.63 ? 88  GLY B C   1 
ATOM   627 O O   . GLY B 2 65  ? 22.404  -5.681  0.557   1.00 33.69 ? 88  GLY B O   1 
ATOM   628 N N   . SER B 2 66  ? 21.262  -7.539  1.090   1.00 39.84 ? 89  SER B N   1 
ATOM   629 C CA  . SER B 2 66  ? 21.906  -8.362  0.076   1.00 44.45 ? 89  SER B CA  1 
ATOM   630 C C   . SER B 2 66  ? 21.094  -8.473  -1.212  1.00 46.51 ? 89  SER B C   1 
ATOM   631 O O   . SER B 2 66  ? 21.598  -8.945  -2.229  1.00 50.30 ? 89  SER B O   1 
ATOM   632 C CB  . SER B 2 66  ? 22.153  -9.759  0.641   1.00 48.29 ? 89  SER B CB  1 
ATOM   633 O OG  . SER B 2 66  ? 21.256  -10.032 1.709   1.00 58.04 ? 89  SER B OG  1 
ATOM   634 N N   . SER B 2 67  ? 19.839  -8.034  -1.165  1.00 45.79 ? 90  SER B N   1 
ATOM   635 C CA  . SER B 2 67  ? 18.965  -8.094  -2.330  1.00 40.60 ? 90  SER B CA  1 
ATOM   636 C C   . SER B 2 67  ? 19.560  -7.347  -3.525  1.00 39.09 ? 90  SER B C   1 
ATOM   637 O O   . SER B 2 67  ? 20.130  -6.260  -3.377  1.00 34.12 ? 90  SER B O   1 
ATOM   638 C CB  . SER B 2 67  ? 17.593  -7.512  -1.979  1.00 41.70 ? 90  SER B CB  1 
ATOM   639 O OG  . SER B 2 67  ? 16.710  -7.565  -3.084  1.00 34.69 ? 90  SER B OG  1 
ATOM   640 N N   . LYS B 2 68  ? 19.404  -7.938  -4.710  1.00 37.61 ? 91  LYS B N   1 
ATOM   641 C CA  . LYS B 2 68  ? 19.912  -7.362  -5.949  1.00 33.78 ? 91  LYS B CA  1 
ATOM   642 C C   . LYS B 2 68  ? 19.225  -7.988  -7.154  1.00 30.50 ? 91  LYS B C   1 
ATOM   643 O O   . LYS B 2 68  ? 19.082  -9.204  -7.228  1.00 34.15 ? 91  LYS B O   1 
ATOM   644 C CB  . LYS B 2 68  ? 21.416  -7.597  -6.054  1.00 38.09 ? 91  LYS B CB  1 
ATOM   645 C CG  . LYS B 2 68  ? 22.038  -7.116  -7.355  1.00 45.54 ? 91  LYS B CG  1 
ATOM   646 C CD  . LYS B 2 68  ? 23.461  -6.603  -7.122  1.00 55.22 ? 91  LYS B CD  1 
ATOM   647 C CE  . LYS B 2 68  ? 24.170  -6.273  -8.428  1.00 54.00 ? 91  LYS B CE  1 
ATOM   648 N NZ  . LYS B 2 68  ? 24.018  -7.372  -9.421  1.00 57.12 ? 91  LYS B NZ  1 
ATOM   649 N N   . TYR B 2 69  ? 18.800  -7.152  -8.097  1.00 27.08 ? 92  TYR B N   1 
ATOM   650 C CA  . TYR B 2 69  ? 18.139  -7.647  -9.297  1.00 28.50 ? 92  TYR B CA  1 
ATOM   651 C C   . TYR B 2 69  ? 19.076  -8.622  -10.002 1.00 26.90 ? 92  TYR B C   1 
ATOM   652 O O   . TYR B 2 69  ? 20.285  -8.432  -10.002 1.00 27.94 ? 92  TYR B O   1 
ATOM   653 C CB  . TYR B 2 69  ? 17.798  -6.487  -10.243 1.00 30.58 ? 92  TYR B CB  1 
ATOM   654 C CG  . TYR B 2 69  ? 16.948  -6.896  -11.430 1.00 37.45 ? 92  TYR B CG  1 
ATOM   655 C CD1 . TYR B 2 69  ? 15.559  -6.878  -11.355 1.00 40.40 ? 92  TYR B CD1 1 
ATOM   656 C CD2 . TYR B 2 69  ? 17.536  -7.329  -12.622 1.00 41.04 ? 92  TYR B CD2 1 
ATOM   657 C CE1 . TYR B 2 69  ? 14.775  -7.281  -12.429 1.00 44.12 ? 92  TYR B CE1 1 
ATOM   658 C CE2 . TYR B 2 69  ? 16.757  -7.737  -13.710 1.00 39.57 ? 92  TYR B CE2 1 
ATOM   659 C CZ  . TYR B 2 69  ? 15.378  -7.712  -13.605 1.00 43.62 ? 92  TYR B CZ  1 
ATOM   660 O OH  . TYR B 2 69  ? 14.599  -8.120  -14.663 1.00 45.66 ? 92  TYR B OH  1 
ATOM   661 N N   . PRO B 2 70  ? 18.533  -9.690  -10.598 1.00 25.22 ? 93  PRO B N   1 
ATOM   662 C CA  . PRO B 2 70  ? 17.114  -10.045 -10.659 1.00 24.17 ? 93  PRO B CA  1 
ATOM   663 C C   . PRO B 2 70  ? 16.638  -10.889 -9.474  1.00 23.62 ? 93  PRO B C   1 
ATOM   664 O O   . PRO B 2 70  ? 15.524  -11.415 -9.487  1.00 26.11 ? 93  PRO B O   1 
ATOM   665 C CB  . PRO B 2 70  ? 17.007  -10.803 -11.973 1.00 25.21 ? 93  PRO B CB  1 
ATOM   666 C CG  . PRO B 2 70  ? 18.348  -11.478 -12.111 1.00 22.49 ? 93  PRO B CG  1 
ATOM   667 C CD  . PRO B 2 70  ? 19.361  -10.654 -11.346 1.00 23.15 ? 93  PRO B CD  1 
ATOM   668 N N   . ASN B 2 71  ? 17.479  -11.009 -8.452  1.00 24.30 ? 94  ASN B N   1 
ATOM   669 C CA  . ASN B 2 71  ? 17.132  -11.804 -7.277  1.00 27.75 ? 94  ASN B CA  1 
ATOM   670 C C   . ASN B 2 71  ? 16.730  -10.978 -6.072  1.00 23.67 ? 94  ASN B C   1 
ATOM   671 O O   . ASN B 2 71  ? 17.394  -11.049 -5.046  1.00 26.72 ? 94  ASN B O   1 
ATOM   672 C CB  . ASN B 2 71  ? 18.305  -12.694 -6.858  1.00 35.52 ? 94  ASN B CB  1 
ATOM   673 C CG  . ASN B 2 71  ? 18.930  -13.440 -8.021  1.00 39.08 ? 94  ASN B CG  1 
ATOM   674 O OD1 . ASN B 2 71  ? 18.289  -14.288 -8.656  1.00 37.80 ? 94  ASN B OD1 1 
ATOM   675 N ND2 . ASN B 2 71  ? 20.201  -13.134 -8.302  1.00 41.27 ? 94  ASN B ND2 1 
ATOM   676 N N   . CYS B 2 72  ? 15.658  -10.202 -6.180  1.00 23.81 ? 95  CYS B N   1 
ATOM   677 C CA  . CYS B 2 72  ? 15.203  -9.392  -5.054  1.00 22.72 ? 95  CYS B CA  1 
ATOM   678 C C   . CYS B 2 72  ? 14.967  -10.265 -3.830  1.00 22.86 ? 95  CYS B C   1 
ATOM   679 O O   . CYS B 2 72  ? 14.563  -11.418 -3.948  1.00 25.94 ? 95  CYS B O   1 
ATOM   680 C CB  . CYS B 2 72  ? 13.907  -8.671  -5.402  1.00 21.90 ? 95  CYS B CB  1 
ATOM   681 S SG  . CYS B 2 72  ? 13.926  -7.978  -7.067  1.00 22.45 ? 95  CYS B SG  1 
ATOM   682 N N   . ALA B 2 73  ? 15.216  -9.701  -2.658  1.00 21.58 ? 96  ALA B N   1 
ATOM   683 C CA  . ALA B 2 73  ? 15.042  -10.421 -1.408  1.00 23.22 ? 96  ALA B CA  1 
ATOM   684 C C   . ALA B 2 73  ? 14.359  -9.489  -0.411  1.00 22.88 ? 96  ALA B C   1 
ATOM   685 O O   . ALA B 2 73  ? 14.824  -8.382  -0.188  1.00 20.23 ? 96  ALA B O   1 
ATOM   686 C CB  . ALA B 2 73  ? 16.398  -10.872 -0.887  1.00 21.73 ? 96  ALA B CB  1 
ATOM   687 N N   . TYR B 2 74  ? 13.260  -9.948  0.181   1.00 24.10 ? 97  TYR B N   1 
ATOM   688 C CA  . TYR B 2 74  ? 12.497  -9.149  1.136   1.00 19.22 ? 97  TYR B CA  1 
ATOM   689 C C   . TYR B 2 74  ? 12.390  -9.771  2.522   1.00 18.99 ? 97  TYR B C   1 
ATOM   690 O O   . TYR B 2 74  ? 12.520  -10.990 2.683   1.00 18.57 ? 97  TYR B O   1 
ATOM   691 C CB  . TYR B 2 74  ? 11.076  -8.927  0.600   1.00 16.85 ? 97  TYR B CB  1 
ATOM   692 C CG  . TYR B 2 74  ? 11.056  -8.117  -0.653  1.00 11.93 ? 97  TYR B CG  1 
ATOM   693 C CD1 . TYR B 2 74  ? 11.063  -6.727  -0.595  1.00 12.33 ? 97  TYR B CD1 1 
ATOM   694 C CD2 . TYR B 2 74  ? 11.141  -8.732  -1.900  1.00 17.15 ? 97  TYR B CD2 1 
ATOM   695 C CE1 . TYR B 2 74  ? 11.171  -5.963  -1.745  1.00 8.12  ? 97  TYR B CE1 1 
ATOM   696 C CE2 . TYR B 2 74  ? 11.250  -7.979  -3.057  1.00 14.33 ? 97  TYR B CE2 1 
ATOM   697 C CZ  . TYR B 2 74  ? 11.268  -6.596  -2.972  1.00 14.54 ? 97  TYR B CZ  1 
ATOM   698 O OH  . TYR B 2 74  ? 11.397  -5.848  -4.112  1.00 10.82 ? 97  TYR B OH  1 
ATOM   699 N N   . LYS B 2 75  ? 12.154  -8.919  3.519   1.00 19.68 ? 98  LYS B N   1 
ATOM   700 C CA  . LYS B 2 75  ? 11.952  -9.366  4.886   1.00 18.23 ? 98  LYS B CA  1 
ATOM   701 C C   . LYS B 2 75  ? 10.479  -9.082  5.109   1.00 15.02 ? 98  LYS B C   1 
ATOM   702 O O   . LYS B 2 75  ? 10.001  -8.007  4.766   1.00 16.60 ? 98  LYS B O   1 
ATOM   703 C CB  . LYS B 2 75  ? 12.790  -8.561  5.875   1.00 19.91 ? 98  LYS B CB  1 
ATOM   704 C CG  . LYS B 2 75  ? 12.341  -8.780  7.308   1.00 27.32 ? 98  LYS B CG  1 
ATOM   705 C CD  . LYS B 2 75  ? 13.170  -8.012  8.313   1.00 28.24 ? 98  LYS B CD  1 
ATOM   706 C CE  . LYS B 2 75  ? 12.770  -8.389  9.736   1.00 33.35 ? 98  LYS B CE  1 
ATOM   707 N NZ  . LYS B 2 75  ? 12.500  -9.858  9.863   1.00 40.14 ? 98  LYS B NZ  1 
ATOM   708 N N   . THR B 2 76  ? 9.761   -10.043 5.675   1.00 18.67 ? 99  THR B N   1 
ATOM   709 C CA  . THR B 2 76  ? 8.328   -9.888  5.912   1.00 18.56 ? 99  THR B CA  1 
ATOM   710 C C   . THR B 2 76  ? 7.964   -9.531  7.363   1.00 19.37 ? 99  THR B C   1 
ATOM   711 O O   . THR B 2 76  ? 8.277   -10.271 8.296   1.00 20.45 ? 99  THR B O   1 
ATOM   712 C CB  . THR B 2 76  ? 7.576   -11.183 5.511   1.00 21.58 ? 99  THR B CB  1 
ATOM   713 O OG1 . THR B 2 76  ? 7.914   -11.537 4.160   1.00 18.02 ? 99  THR B OG1 1 
ATOM   714 C CG2 . THR B 2 76  ? 6.066   -10.996 5.645   1.00 17.84 ? 99  THR B CG2 1 
ATOM   715 N N   . THR B 2 77  ? 7.296   -8.392  7.539   1.00 19.28 ? 100 THR B N   1 
ATOM   716 C CA  . THR B 2 77  ? 6.866   -7.933  8.860   1.00 18.22 ? 100 THR B CA  1 
ATOM   717 C C   . THR B 2 77  ? 5.356   -7.695  8.868   1.00 17.18 ? 100 THR B C   1 
ATOM   718 O O   . THR B 2 77  ? 4.861   -6.803  8.188   1.00 16.13 ? 100 THR B O   1 
ATOM   719 C CB  . THR B 2 77  ? 7.578   -6.618  9.257   1.00 16.69 ? 100 THR B CB  1 
ATOM   720 O OG1 . THR B 2 77  ? 8.973   -6.725  8.964   1.00 17.96 ? 100 THR B OG1 1 
ATOM   721 C CG2 . THR B 2 77  ? 7.417   -6.344  10.734  1.00 14.28 ? 100 THR B CG2 1 
ATOM   722 N N   . GLN B 2 78  ? 4.622   -8.497  9.633   1.00 21.16 ? 101 GLN B N   1 
ATOM   723 C CA  . GLN B 2 78  ? 3.172   -8.334  9.699   1.00 25.01 ? 101 GLN B CA  1 
ATOM   724 C C   . GLN B 2 78  ? 2.815   -7.455  10.888  1.00 25.14 ? 101 GLN B C   1 
ATOM   725 O O   . GLN B 2 78  ? 3.493   -7.484  11.907  1.00 27.84 ? 101 GLN B O   1 
ATOM   726 C CB  . GLN B 2 78  ? 2.469   -9.695  9.812   1.00 26.33 ? 101 GLN B CB  1 
ATOM   727 C CG  . GLN B 2 78  ? 1.025   -9.623  10.330  1.00 37.74 ? 101 GLN B CG  1 
ATOM   728 C CD  . GLN B 2 78  ? 0.024   -9.060  9.313   1.00 39.63 ? 101 GLN B CD  1 
ATOM   729 O OE1 . GLN B 2 78  ? -0.938  -8.378  9.686   1.00 41.96 ? 101 GLN B OE1 1 
ATOM   730 N NE2 . GLN B 2 78  ? 0.246   -9.347  8.032   1.00 40.82 ? 101 GLN B NE2 1 
ATOM   731 N N   . ALA B 2 79  ? 1.749   -6.673  10.749  1.00 25.87 ? 102 ALA B N   1 
ATOM   732 C CA  . ALA B 2 79  ? 1.315   -5.773  11.809  1.00 24.32 ? 102 ALA B CA  1 
ATOM   733 C C   . ALA B 2 79  ? -0.099  -5.226  11.587  1.00 20.97 ? 102 ALA B C   1 
ATOM   734 O O   . ALA B 2 79  ? -0.699  -5.413  10.529  1.00 21.43 ? 102 ALA B O   1 
ATOM   735 C CB  . ALA B 2 79  ? 2.309   -4.615  11.932  1.00 22.30 ? 102 ALA B CB  1 
ATOM   736 N N   . ASN B 2 80  ? -0.622  -4.558  12.606  1.00 21.07 ? 103 ASN B N   1 
ATOM   737 C CA  . ASN B 2 80  ? -1.942  -3.941  12.556  1.00 23.13 ? 103 ASN B CA  1 
ATOM   738 C C   . ASN B 2 80  ? -1.688  -2.474  12.840  1.00 22.47 ? 103 ASN B C   1 
ATOM   739 O O   . ASN B 2 80  ? -1.248  -2.112  13.921  1.00 22.34 ? 103 ASN B O   1 
ATOM   740 C CB  . ASN B 2 80  ? -2.861  -4.513  13.632  1.00 23.92 ? 103 ASN B CB  1 
ATOM   741 C CG  . ASN B 2 80  ? -3.102  -5.988  13.457  1.00 30.59 ? 103 ASN B CG  1 
ATOM   742 O OD1 . ASN B 2 80  ? -3.908  -6.399  12.627  1.00 36.64 ? 103 ASN B OD1 1 
ATOM   743 N ND2 . ASN B 2 80  ? -2.402  -6.798  14.237  1.00 36.95 ? 103 ASN B ND2 1 
ATOM   744 N N   . LYS B 2 81  ? -1.952  -1.624  11.867  1.00 21.78 ? 104 LYS B N   1 
ATOM   745 C CA  . LYS B 2 81  ? -1.708  -0.217  12.075  1.00 20.48 ? 104 LYS B CA  1 
ATOM   746 C C   . LYS B 2 81  ? -2.742  0.629   11.363  1.00 19.32 ? 104 LYS B C   1 
ATOM   747 O O   . LYS B 2 81  ? -3.519  0.120   10.559  1.00 20.51 ? 104 LYS B O   1 
ATOM   748 C CB  . LYS B 2 81  ? -0.312  0.122   11.564  1.00 22.18 ? 104 LYS B CB  1 
ATOM   749 C CG  . LYS B 2 81  ? 0.773   -0.738  12.193  1.00 29.27 ? 104 LYS B CG  1 
ATOM   750 C CD  . LYS B 2 81  ? 2.022   -0.798  11.322  1.00 35.27 ? 104 LYS B CD  1 
ATOM   751 C CE  . LYS B 2 81  ? 2.703   0.565   11.215  1.00 39.78 ? 104 LYS B CE  1 
ATOM   752 N NZ  . LYS B 2 81  ? 3.823   0.525   10.232  1.00 44.59 ? 104 LYS B NZ  1 
ATOM   753 N N   . HIS B 2 82  ? -2.758  1.919   11.682  1.00 17.60 ? 105 HIS B N   1 
ATOM   754 C CA  . HIS B 2 82  ? -3.670  2.850   11.044  1.00 17.00 ? 105 HIS B CA  1 
ATOM   755 C C   . HIS B 2 82  ? -3.044  3.168   9.700   1.00 18.18 ? 105 HIS B C   1 
ATOM   756 O O   . HIS B 2 82  ? -1.836  3.361   9.619   1.00 21.76 ? 105 HIS B O   1 
ATOM   757 C CB  . HIS B 2 82  ? -3.770  4.126   11.862  1.00 15.09 ? 105 HIS B CB  1 
ATOM   758 C CG  . HIS B 2 82  ? -4.376  3.924   13.211  1.00 14.46 ? 105 HIS B CG  1 
ATOM   759 N ND1 . HIS B 2 82  ? -5.739  3.897   13.416  1.00 16.39 ? 105 HIS B ND1 1 
ATOM   760 C CD2 . HIS B 2 82  ? -3.810  3.716   14.421  1.00 15.18 ? 105 HIS B CD2 1 
ATOM   761 C CE1 . HIS B 2 82  ? -5.986  3.680   14.696  1.00 18.92 ? 105 HIS B CE1 1 
ATOM   762 N NE2 . HIS B 2 82  ? -4.830  3.565   15.324  1.00 16.65 ? 105 HIS B NE2 1 
ATOM   763 N N   . ILE B 2 83  ? -3.849  3.211   8.647   1.00 18.09 ? 106 ILE B N   1 
ATOM   764 C CA  . ILE B 2 83  ? -3.310  3.518   7.332   1.00 14.12 ? 106 ILE B CA  1 
ATOM   765 C C   . ILE B 2 83  ? -3.696  4.931   6.943   1.00 13.80 ? 106 ILE B C   1 
ATOM   766 O O   . ILE B 2 83  ? -4.759  5.416   7.322   1.00 17.45 ? 106 ILE B O   1 
ATOM   767 C CB  . ILE B 2 83  ? -3.836  2.538   6.251   1.00 16.03 ? 106 ILE B CB  1 
ATOM   768 C CG1 . ILE B 2 83  ? -5.345  2.704   6.075   1.00 16.11 ? 106 ILE B CG1 1 
ATOM   769 C CG2 . ILE B 2 83  ? -3.507  1.103   6.652   1.00 14.97 ? 106 ILE B CG2 1 
ATOM   770 C CD1 . ILE B 2 83  ? -5.852  2.348   4.707   1.00 15.07 ? 106 ILE B CD1 1 
ATOM   771 N N   . ILE B 2 84  ? -2.821  5.592   6.201   1.00 12.70 ? 107 ILE B N   1 
ATOM   772 C CA  . ILE B 2 84  ? -3.080  6.946   5.740   1.00 14.33 ? 107 ILE B CA  1 
ATOM   773 C C   . ILE B 2 84  ? -2.993  6.870   4.219   1.00 16.53 ? 107 ILE B C   1 
ATOM   774 O O   . ILE B 2 84  ? -1.967  6.454   3.674   1.00 18.39 ? 107 ILE B O   1 
ATOM   775 C CB  . ILE B 2 84  ? -2.020  7.947   6.292   1.00 16.27 ? 107 ILE B CB  1 
ATOM   776 C CG1 . ILE B 2 84  ? -2.228  8.148   7.793   1.00 16.57 ? 107 ILE B CG1 1 
ATOM   777 C CG2 . ILE B 2 84  ? -2.139  9.298   5.579   1.00 15.49 ? 107 ILE B CG2 1 
ATOM   778 C CD1 . ILE B 2 84  ? -1.082  7.683   8.631   1.00 16.36 ? 107 ILE B CD1 1 
ATOM   779 N N   . VAL B 2 85  ? -4.078  7.252   3.547   1.00 16.33 ? 108 VAL B N   1 
ATOM   780 C CA  . VAL B 2 85  ? -4.143  7.216   2.090   1.00 16.60 ? 108 VAL B CA  1 
ATOM   781 C C   . VAL B 2 85  ? -4.557  8.563   1.515   1.00 15.35 ? 108 VAL B C   1 
ATOM   782 O O   . VAL B 2 85  ? -5.254  9.331   2.166   1.00 17.83 ? 108 VAL B O   1 
ATOM   783 C CB  . VAL B 2 85  ? -5.168  6.155   1.589   1.00 12.20 ? 108 VAL B CB  1 
ATOM   784 C CG1 . VAL B 2 85  ? -4.735  4.763   2.006   1.00 15.35 ? 108 VAL B CG1 1 
ATOM   785 C CG2 . VAL B 2 85  ? -6.560  6.455   2.143   1.00 12.08 ? 108 VAL B CG2 1 
ATOM   786 N N   . ALA B 2 86  ? -4.120  8.844   0.294   1.00 13.69 ? 109 ALA B N   1 
ATOM   787 C CA  . ALA B 2 86  ? -4.482  10.083  -0.377  1.00 10.43 ? 109 ALA B CA  1 
ATOM   788 C C   . ALA B 2 86  ? -5.617  9.699   -1.317  1.00 13.62 ? 109 ALA B C   1 
ATOM   789 O O   . ALA B 2 86  ? -5.552  8.670   -1.980  1.00 14.01 ? 109 ALA B O   1 
ATOM   790 C CB  . ALA B 2 86  ? -3.307  10.615  -1.164  1.00 12.73 ? 109 ALA B CB  1 
ATOM   791 N N   . CYS B 2 87  ? -6.665  10.509  -1.360  1.00 15.41 ? 110 CYS B N   1 
ATOM   792 C CA  . CYS B 2 87  ? -7.798  10.219  -2.225  1.00 16.74 ? 110 CYS B CA  1 
ATOM   793 C C   . CYS B 2 87  ? -8.072  11.288  -3.266  1.00 20.07 ? 110 CYS B C   1 
ATOM   794 O O   . CYS B 2 87  ? -7.700  12.446  -3.116  1.00 21.07 ? 110 CYS B O   1 
ATOM   795 C CB  . CYS B 2 87  ? -9.056  10.023  -1.386  1.00 13.30 ? 110 CYS B CB  1 
ATOM   796 S SG  . CYS B 2 87  ? -8.831  8.909   0.038   1.00 17.49 ? 110 CYS B SG  1 
ATOM   797 N N   . GLU B 2 88  ? -8.733  10.881  -4.334  1.00 23.83 ? 111 GLU B N   1 
ATOM   798 C CA  . GLU B 2 88  ? -9.093  11.809  -5.379  1.00 27.81 ? 111 GLU B CA  1 
ATOM   799 C C   . GLU B 2 88  ? -9.965  11.125  -6.411  1.00 29.44 ? 111 GLU B C   1 
ATOM   800 O O   . GLU B 2 88  ? -10.117 9.901   -6.410  1.00 29.54 ? 111 GLU B O   1 
ATOM   801 C CB  . GLU B 2 88  ? -7.848  12.425  -6.029  1.00 31.37 ? 111 GLU B CB  1 
ATOM   802 C CG  . GLU B 2 88  ? -6.822  11.445  -6.541  1.00 40.43 ? 111 GLU B CG  1 
ATOM   803 C CD  . GLU B 2 88  ? -5.527  12.133  -6.952  1.00 43.75 ? 111 GLU B CD  1 
ATOM   804 O OE1 . GLU B 2 88  ? -4.722  12.479  -6.060  1.00 46.99 ? 111 GLU B OE1 1 
ATOM   805 O OE2 . GLU B 2 88  ? -5.312  12.330  -8.168  1.00 46.51 ? 111 GLU B OE2 1 
ATOM   806 N N   . GLY B 2 89  ? -10.552 11.936  -7.279  1.00 29.46 ? 112 GLY B N   1 
ATOM   807 C CA  . GLY B 2 89  ? -11.431 11.416  -8.301  1.00 28.70 ? 112 GLY B CA  1 
ATOM   808 C C   . GLY B 2 89  ? -12.856 11.334  -7.789  1.00 30.32 ? 112 GLY B C   1 
ATOM   809 O O   . GLY B 2 89  ? -13.167 11.737  -6.664  1.00 29.67 ? 112 GLY B O   1 
ATOM   810 N N   . ASN B 2 90  ? -13.734 10.820  -8.637  1.00 30.62 ? 113 ASN B N   1 
ATOM   811 C CA  . ASN B 2 90  ? -15.128 10.646  -8.290  1.00 32.38 ? 113 ASN B CA  1 
ATOM   812 C C   . ASN B 2 90  ? -15.535 9.351   -8.963  1.00 32.15 ? 113 ASN B C   1 
ATOM   813 O O   . ASN B 2 90  ? -15.569 9.262   -10.186 1.00 33.97 ? 113 ASN B O   1 
ATOM   814 C CB  . ASN B 2 90  ? -15.971 11.807  -8.812  0.38 31.76 ? 113 ASN B CB  1 
ATOM   815 C CG  . ASN B 2 90  ? -17.431 11.677  -8.430  0.38 31.95 ? 113 ASN B CG  1 
ATOM   816 O OD1 . ASN B 2 90  ? -17.854 12.137  -7.368  0.38 32.75 ? 113 ASN B OD1 1 
ATOM   817 N ND2 . ASN B 2 90  ? -18.209 11.042  -9.296  0.38 31.14 ? 113 ASN B ND2 1 
ATOM   818 N N   . PRO B 2 91  ? -15.842 8.320   -8.169  1.00 31.49 ? 114 PRO B N   1 
ATOM   819 C CA  . PRO B 2 91  ? -15.822 8.342   -6.703  1.00 29.31 ? 114 PRO B CA  1 
ATOM   820 C C   . PRO B 2 91  ? -14.474 8.731   -6.103  1.00 25.65 ? 114 PRO B C   1 
ATOM   821 O O   . PRO B 2 91  ? -13.432 8.599   -6.743  1.00 26.78 ? 114 PRO B O   1 
ATOM   822 C CB  . PRO B 2 91  ? -16.228 6.921   -6.312  1.00 31.97 ? 114 PRO B CB  1 
ATOM   823 C CG  . PRO B 2 91  ? -15.926 6.093   -7.518  1.00 32.22 ? 114 PRO B CG  1 
ATOM   824 C CD  . PRO B 2 91  ? -16.191 6.988   -8.690  1.00 32.16 ? 114 PRO B CD  1 
ATOM   825 N N   . TYR B 2 92  ? -14.528 9.227   -4.873  1.00 21.49 ? 115 TYR B N   1 
ATOM   826 C CA  . TYR B 2 92  ? -13.350 9.630   -4.116  1.00 19.00 ? 115 TYR B CA  1 
ATOM   827 C C   . TYR B 2 92  ? -12.734 8.341   -3.571  1.00 18.66 ? 115 TYR B C   1 
ATOM   828 O O   . TYR B 2 92  ? -13.173 7.822   -2.548  1.00 18.09 ? 115 TYR B O   1 
ATOM   829 C CB  . TYR B 2 92  ? -13.782 10.533  -2.961  1.00 14.76 ? 115 TYR B CB  1 
ATOM   830 C CG  . TYR B 2 92  ? -12.749 11.519  -2.490  1.00 15.27 ? 115 TYR B CG  1 
ATOM   831 C CD1 . TYR B 2 92  ? -12.069 12.330  -3.390  1.00 15.63 ? 115 TYR B CD1 1 
ATOM   832 C CD2 . TYR B 2 92  ? -12.470 11.661  -1.135  1.00 14.88 ? 115 TYR B CD2 1 
ATOM   833 C CE1 . TYR B 2 92  ? -11.132 13.261  -2.944  1.00 18.86 ? 115 TYR B CE1 1 
ATOM   834 C CE2 . TYR B 2 92  ? -11.541 12.584  -0.684  1.00 11.75 ? 115 TYR B CE2 1 
ATOM   835 C CZ  . TYR B 2 92  ? -10.878 13.379  -1.588  1.00 16.29 ? 115 TYR B CZ  1 
ATOM   836 O OH  . TYR B 2 92  ? -9.963  14.299  -1.135  1.00 19.49 ? 115 TYR B OH  1 
ATOM   837 N N   . VAL B 2 93  ? -11.721 7.827   -4.258  1.00 16.89 ? 116 VAL B N   1 
ATOM   838 C CA  . VAL B 2 93  ? -11.074 6.585   -3.849  1.00 15.61 ? 116 VAL B CA  1 
ATOM   839 C C   . VAL B 2 93  ? -9.583  6.785   -3.618  1.00 14.48 ? 116 VAL B C   1 
ATOM   840 O O   . VAL B 2 93  ? -9.011  7.777   -4.061  1.00 16.03 ? 116 VAL B O   1 
ATOM   841 C CB  . VAL B 2 93  ? -11.255 5.496   -4.924  1.00 14.74 ? 116 VAL B CB  1 
ATOM   842 C CG1 . VAL B 2 93  ? -12.734 5.149   -5.079  1.00 11.76 ? 116 VAL B CG1 1 
ATOM   843 C CG2 . VAL B 2 93  ? -10.670 5.980   -6.242  1.00 14.80 ? 116 VAL B CG2 1 
ATOM   844 N N   . PRO B 2 94  ? -8.935  5.834   -2.919  1.00 14.37 ? 117 PRO B N   1 
ATOM   845 C CA  . PRO B 2 94  ? -7.496  5.959   -2.658  1.00 16.70 ? 117 PRO B CA  1 
ATOM   846 C C   . PRO B 2 94  ? -6.649  5.817   -3.927  1.00 19.15 ? 117 PRO B C   1 
ATOM   847 O O   . PRO B 2 94  ? -6.945  4.987   -4.792  1.00 18.47 ? 117 PRO B O   1 
ATOM   848 C CB  . PRO B 2 94  ? -7.197  4.846   -1.638  1.00 17.94 ? 117 PRO B CB  1 
ATOM   849 C CG  . PRO B 2 94  ? -8.523  4.261   -1.244  1.00 12.01 ? 117 PRO B CG  1 
ATOM   850 C CD  . PRO B 2 94  ? -9.502  4.609   -2.328  1.00 12.33 ? 117 PRO B CD  1 
ATOM   851 N N   . VAL B 2 95  ? -5.606  6.635   -4.029  1.00 16.69 ? 118 VAL B N   1 
ATOM   852 C CA  . VAL B 2 95  ? -4.698  6.594   -5.170  1.00 17.47 ? 118 VAL B CA  1 
ATOM   853 C C   . VAL B 2 95  ? -3.249  6.404   -4.713  1.00 17.82 ? 118 VAL B C   1 
ATOM   854 O O   . VAL B 2 95  ? -2.394  6.002   -5.494  1.00 19.42 ? 118 VAL B O   1 
ATOM   855 C CB  . VAL B 2 95  ? -4.774  7.894   -5.999  1.00 15.91 ? 118 VAL B CB  1 
ATOM   856 C CG1 . VAL B 2 95  ? -6.097  7.960   -6.735  1.00 13.50 ? 118 VAL B CG1 1 
ATOM   857 C CG2 . VAL B 2 95  ? -4.616  9.105   -5.089  1.00 17.69 ? 118 VAL B CG2 1 
ATOM   858 N N   . HIS B 2 96  ? -2.982  6.696   -3.446  1.00 18.59 ? 119 HIS B N   1 
ATOM   859 C CA  . HIS B 2 96  ? -1.638  6.567   -2.905  1.00 22.24 ? 119 HIS B CA  1 
ATOM   860 C C   . HIS B 2 96  ? -1.622  6.147   -1.438  1.00 22.40 ? 119 HIS B C   1 
ATOM   861 O O   . HIS B 2 96  ? -2.510  6.513   -0.665  1.00 25.30 ? 119 HIS B O   1 
ATOM   862 C CB  . HIS B 2 96  ? -0.896  7.901   -3.016  1.00 28.95 ? 119 HIS B CB  1 
ATOM   863 C CG  . HIS B 2 96  ? -0.462  8.244   -4.406  1.00 37.74 ? 119 HIS B CG  1 
ATOM   864 N ND1 . HIS B 2 96  ? 0.671   7.712   -4.983  1.00 41.42 ? 119 HIS B ND1 1 
ATOM   865 C CD2 . HIS B 2 96  ? -0.997  9.083   -5.326  1.00 38.56 ? 119 HIS B CD2 1 
ATOM   866 C CE1 . HIS B 2 96  ? 0.816   8.207   -6.200  1.00 43.42 ? 119 HIS B CE1 1 
ATOM   867 N NE2 . HIS B 2 96  ? -0.182  9.041   -6.433  1.00 38.74 ? 119 HIS B NE2 1 
ATOM   868 N N   . PHE B 2 97  ? -0.596  5.391   -1.064  1.00 20.82 ? 120 PHE B N   1 
ATOM   869 C CA  . PHE B 2 97  ? -0.417  4.957   0.312   1.00 21.67 ? 120 PHE B CA  1 
ATOM   870 C C   . PHE B 2 97  ? 0.551   5.991   0.881   1.00 22.53 ? 120 PHE B C   1 
ATOM   871 O O   . PHE B 2 97  ? 1.608   6.222   0.305   1.00 23.56 ? 120 PHE B O   1 
ATOM   872 C CB  . PHE B 2 97  ? 0.204   3.560   0.341   1.00 20.23 ? 120 PHE B CB  1 
ATOM   873 C CG  . PHE B 2 97  ? -0.004  2.839   1.631   1.00 22.17 ? 120 PHE B CG  1 
ATOM   874 C CD1 . PHE B 2 97  ? 0.948   2.910   2.638   1.00 26.19 ? 120 PHE B CD1 1 
ATOM   875 C CD2 . PHE B 2 97  ? -1.145  2.088   1.842   1.00 24.67 ? 120 PHE B CD2 1 
ATOM   876 C CE1 . PHE B 2 97  ? 0.766   2.241   3.841   1.00 27.33 ? 120 PHE B CE1 1 
ATOM   877 C CE2 . PHE B 2 97  ? -1.340  1.418   3.034   1.00 29.36 ? 120 PHE B CE2 1 
ATOM   878 C CZ  . PHE B 2 97  ? -0.381  1.493   4.040   1.00 30.58 ? 120 PHE B CZ  1 
ATOM   879 N N   . ASP B 2 98  ? 0.199   6.626   1.994   1.00 24.67 ? 121 ASP B N   1 
ATOM   880 C CA  . ASP B 2 98  ? 1.072   7.650   2.562   1.00 26.48 ? 121 ASP B CA  1 
ATOM   881 C C   . ASP B 2 98  ? 1.853   7.208   3.790   1.00 27.48 ? 121 ASP B C   1 
ATOM   882 O O   . ASP B 2 98  ? 2.915   7.763   4.083   1.00 24.43 ? 121 ASP B O   1 
ATOM   883 C CB  . ASP B 2 98  ? 0.272   8.910   2.897   1.00 27.71 ? 121 ASP B CB  1 
ATOM   884 C CG  . ASP B 2 98  ? 1.134   10.156  2.912   1.00 26.07 ? 121 ASP B CG  1 
ATOM   885 O OD1 . ASP B 2 98  ? 1.663   10.546  1.847   1.00 24.34 ? 121 ASP B OD1 1 
ATOM   886 O OD2 . ASP B 2 98  ? 1.285   10.745  3.997   1.00 29.44 ? 121 ASP B OD2 1 
ATOM   887 N N   . ALA B 2 99  ? 1.322   6.216   4.502   1.00 31.52 ? 122 ALA B N   1 
ATOM   888 C CA  . ALA B 2 99  ? 1.974   5.681   5.695   1.00 30.96 ? 122 ALA B CA  1 
ATOM   889 C C   . ALA B 2 99  ? 0.996   4.879   6.534   1.00 30.00 ? 122 ALA B C   1 
ATOM   890 O O   . ALA B 2 99  ? -0.177  4.765   6.190   1.00 28.96 ? 122 ALA B O   1 
ATOM   891 C CB  . ALA B 2 99  ? 2.561   6.817   6.532   1.00 33.55 ? 122 ALA B CB  1 
ATOM   892 N N   . SER B 2 100 ? 1.500   4.328   7.636   1.00 33.89 ? 123 SER B N   1 
ATOM   893 C CA  . SER B 2 100 ? 0.696   3.548   8.575   1.00 37.55 ? 123 SER B CA  1 
ATOM   894 C C   . SER B 2 100 ? 1.183   3.823   9.994   1.00 38.78 ? 123 SER B C   1 
ATOM   895 O O   . SER B 2 100 ? 2.385   3.765   10.266  1.00 41.95 ? 123 SER B O   1 
ATOM   896 C CB  . SER B 2 100 ? 0.810   2.048   8.282   1.00 39.21 ? 123 SER B CB  1 
ATOM   897 O OG  . SER B 2 100 ? 2.162   1.649   8.171   1.00 36.25 ? 123 SER B OG  1 
ATOM   898 N N   . VAL B 2 101 ? 0.253   4.138   10.893  1.00 41.11 ? 124 VAL B N   1 
ATOM   899 C CA  . VAL B 2 101 ? 0.590   4.412   12.286  1.00 44.72 ? 124 VAL B CA  1 
ATOM   900 C C   . VAL B 2 101 ? 0.281   3.218   13.191  1.00 44.25 ? 124 VAL B C   1 
ATOM   901 O O   . VAL B 2 101 ? -0.847  3.137   13.721  1.00 43.84 ? 124 VAL B O   1 
ATOM   902 C CB  . VAL B 2 101 ? -0.184  5.634   12.825  1.00 45.81 ? 124 VAL B CB  1 
ATOM   903 C CG1 . VAL B 2 101 ? 0.506   6.164   14.065  1.00 48.50 ? 124 VAL B CG1 1 
ATOM   904 C CG2 . VAL B 2 101 ? -0.267  6.718   11.764  1.00 43.81 ? 124 VAL B CG2 1 
ATOM   905 O OXT . VAL B 2 101 ? 1.183   2.376   13.364  1.00 50.31 ? 124 VAL B OXT 1 
HETATM 906 S S   . SO4 C 3 .   ? 1.869   4.520   -4.057  1.00 50.35 ? 125 SO4 B S   1 
HETATM 907 O O1  . SO4 C 3 .   ? 2.890   3.503   -4.037  1.00 56.02 ? 125 SO4 B O1  1 
HETATM 908 O O2  . SO4 C 3 .   ? 1.755   5.145   -5.343  1.00 54.52 ? 125 SO4 B O2  1 
HETATM 909 O O3  . SO4 C 3 .   ? 2.232   5.533   -3.116  1.00 50.76 ? 125 SO4 B O3  1 
HETATM 910 O O4  . SO4 C 3 .   ? 0.608   3.935   -3.709  1.00 53.34 ? 125 SO4 B O4  1 
HETATM 911 O O   . HOH D 4 .   ? -4.492  -3.404  -12.852 1.00 27.90 ? 202 HOH A O   1 
HETATM 912 O O   . HOH D 4 .   ? -10.411 1.944   -5.976  1.00 30.82 ? 204 HOH A O   1 
HETATM 913 O O   . HOH D 4 .   ? -12.560 -0.944  -7.705  1.00 24.15 ? 218 HOH A O   1 
HETATM 914 O O   . HOH D 4 .   ? -12.038 2.506   -8.126  1.00 26.12 ? 222 HOH A O   1 
HETATM 915 O O   . HOH D 4 .   ? -3.286  -13.515 1.031   1.00 33.92 ? 230 HOH A O   1 
HETATM 916 O O   . HOH D 4 .   ? 6.326   4.217   -7.880  1.00 63.05 ? 236 HOH A O   1 
HETATM 917 O O   . HOH D 4 .   ? -5.952  -2.577  -14.763 1.00 45.31 ? 239 HOH A O   1 
HETATM 918 O O   . HOH D 4 .   ? -6.791  8.028   -13.583 1.00 39.17 ? 247 HOH A O   1 
HETATM 919 O O   . HOH D 4 .   ? 0.796   -1.527  -15.535 1.00 53.41 ? 259 HOH A O   1 
HETATM 920 O O   . HOH E 4 .   ? -9.461  8.448   -8.886  1.00 36.25 ? 201 HOH B O   1 
HETATM 921 O O   . HOH E 4 .   ? -8.113  2.694   -5.219  1.00 13.62 ? 203 HOH B O   1 
HETATM 922 O O   . HOH E 4 .   ? 9.774   -5.849  6.562   1.00 12.01 ? 205 HOH B O   1 
HETATM 923 O O   . HOH E 4 .   ? 16.508  -2.162  -10.580 1.00 36.06 ? 206 HOH B O   1 
HETATM 924 O O   . HOH E 4 .   ? 2.282   -9.885  -12.836 1.00 24.32 ? 207 HOH B O   1 
HETATM 925 O O   . HOH E 4 .   ? -0.325  -14.905 -9.428  1.00 30.35 ? 208 HOH B O   1 
HETATM 926 O O   . HOH E 4 .   ? -15.549 -5.011  -1.338  1.00 25.41 ? 209 HOH B O   1 
HETATM 927 O O   . HOH E 4 .   ? -10.997 2.342   9.925   1.00 18.77 ? 210 HOH B O   1 
HETATM 928 O O   . HOH E 4 .   ? 2.578   -14.241 -12.444 1.00 28.97 ? 211 HOH B O   1 
HETATM 929 O O   . HOH E 4 .   ? -1.388  4.830   -7.428  1.00 25.34 ? 212 HOH B O   1 
HETATM 930 O O   . HOH E 4 .   ? -15.059 -8.010  -1.082  1.00 24.24 ? 213 HOH B O   1 
HETATM 931 O O   . HOH E 4 .   ? -12.166 -5.880  6.111   1.00 15.29 ? 214 HOH B O   1 
HETATM 932 O O   . HOH E 4 .   ? -0.322  3.060   -5.878  1.00 27.49 ? 215 HOH B O   1 
HETATM 933 O O   . HOH E 4 .   ? -12.875 1.589   7.088   1.00 11.03 ? 216 HOH B O   1 
HETATM 934 O O   . HOH E 4 .   ? 4.249   1.061   0.249   1.00 23.47 ? 217 HOH B O   1 
HETATM 935 O O   . HOH E 4 .   ? -13.258 1.398   10.905  1.00 30.30 ? 220 HOH B O   1 
HETATM 936 O O   . HOH E 4 .   ? -16.794 -5.364  2.045   1.00 45.29 ? 221 HOH B O   1 
HETATM 937 O O   . HOH E 4 .   ? 10.689  -12.808 5.489   1.00 57.38 ? 225 HOH B O   1 
HETATM 938 O O   . HOH E 4 .   ? -12.300 7.493   -9.174  1.00 30.07 ? 226 HOH B O   1 
HETATM 939 O O   . HOH E 4 .   ? -9.915  -4.121  12.172  1.00 43.95 ? 227 HOH B O   1 
HETATM 940 O O   . HOH E 4 .   ? 18.704  -4.096  -8.089  1.00 36.46 ? 228 HOH B O   1 
HETATM 941 O O   . HOH E 4 .   ? 0.018   -16.922 -1.999  1.00 83.03 ? 231 HOH B O   1 
HETATM 942 O O   . HOH E 4 .   ? 10.644  -10.978 -5.633  1.00 40.74 ? 235 HOH B O   1 
HETATM 943 O O   . HOH E 4 .   ? -14.272 13.004  2.336   1.00 44.40 ? 237 HOH B O   1 
HETATM 944 O O   . HOH E 4 .   ? 3.720   1.017   6.267   1.00 55.45 ? 240 HOH B O   1 
HETATM 945 O O   . HOH E 4 .   ? 9.934   1.982   -2.436  1.00 42.02 ? 241 HOH B O   1 
HETATM 946 O O   . HOH E 4 .   ? 6.152   -10.135 11.765  1.00 52.06 ? 243 HOH B O   1 
HETATM 947 O O   . HOH E 4 .   ? 4.654   -16.018 -14.536 1.00 69.82 ? 245 HOH B O   1 
HETATM 948 O O   . HOH E 4 .   ? -8.475  17.222  10.525  1.00 30.93 ? 246 HOH B O   1 
HETATM 949 O O   . HOH E 4 .   ? -11.829 14.765  10.092  1.00 37.42 ? 252 HOH B O   1 
HETATM 950 O O   . HOH E 4 .   ? 6.706   -6.144  -16.244 1.00 39.77 ? 257 HOH B O   1 
HETATM 951 O O   . HOH E 4 .   ? 0.033   12.760  -1.281  1.00 37.85 ? 263 HOH B O   1 
HETATM 952 O O   . HOH E 4 .   ? 9.440   -9.606  12.616  1.00 49.27 ? 265 HOH B O   1 
# 
loop_
_pdbx_poly_seq_scheme.asym_id 
_pdbx_poly_seq_scheme.entity_id 
_pdbx_poly_seq_scheme.seq_id 
_pdbx_poly_seq_scheme.mon_id 
_pdbx_poly_seq_scheme.ndb_seq_num 
_pdbx_poly_seq_scheme.pdb_seq_num 
_pdbx_poly_seq_scheme.auth_seq_num 
_pdbx_poly_seq_scheme.pdb_mon_id 
_pdbx_poly_seq_scheme.auth_mon_id 
_pdbx_poly_seq_scheme.pdb_strand_id 
_pdbx_poly_seq_scheme.pdb_ins_code 
_pdbx_poly_seq_scheme.hetero 
A 1 1   LYS 1   1   1   LYS LYS A . n 
A 1 2   GLU 2   2   2   GLU GLU A . n 
A 1 3   THR 3   3   3   THR THR A . n 
A 1 4   AIB 4   4   4   AIB AIB A . n 
A 1 5   ALA 5   5   5   ALA ALA A . n 
A 1 6   ALA 6   6   6   ALA ALA A . n 
A 1 7   LYS 7   7   7   LYS LYS A . n 
A 1 8   PHE 8   8   8   PHE PHE A . n 
A 1 9   GLU 9   9   9   GLU GLU A . n 
A 1 10  ARG 10  10  10  ARG ARG A . n 
A 1 11  GLN 11  11  11  GLN GLN A . n 
A 1 12  HIS 12  12  12  HIS HIS A . n 
A 1 13  LEU 13  13  13  LEU LEU A . n 
A 1 14  ASP 14  14  14  ASP ASP A . n 
A 1 15  SER 15  15  15  SER SER A . n 
B 2 1   ASN 1   24  24  ASN ASN B . n 
B 2 2   TYR 2   25  25  TYR TYR B . n 
B 2 3   CYS 3   26  26  CYS CYS B . n 
B 2 4   ASN 4   27  27  ASN ASN B . n 
B 2 5   GLN 5   28  28  GLN GLN B . n 
B 2 6   MET 6   29  29  MET MET B . n 
B 2 7   MET 7   30  30  MET MET B . n 
B 2 8   LYS 8   31  31  LYS LYS B . n 
B 2 9   SER 9   32  32  SER SER B . n 
B 2 10  ARG 10  33  33  ARG ARG B . n 
B 2 11  ASN 11  34  34  ASN ASN B . n 
B 2 12  LEU 12  35  35  LEU LEU B . n 
B 2 13  THR 13  36  36  THR THR B . n 
B 2 14  LYS 14  37  37  LYS LYS B . n 
B 2 15  ASP 15  38  38  ASP ASP B . n 
B 2 16  ARG 16  39  39  ARG ARG B . n 
B 2 17  CYS 17  40  40  CYS CYS B . n 
B 2 18  LYS 18  41  41  LYS LYS B . n 
B 2 19  PRO 19  42  42  PRO PRO B . n 
B 2 20  VAL 20  43  43  VAL VAL B . n 
B 2 21  ASN 21  44  44  ASN ASN B . n 
B 2 22  THR 22  45  45  THR THR B . n 
B 2 23  PHE 23  46  46  PHE PHE B . n 
B 2 24  VAL 24  47  47  VAL VAL B . n 
B 2 25  HIS 25  48  48  HIS HIS B . n 
B 2 26  GLU 26  49  49  GLU GLU B . n 
B 2 27  SER 27  50  50  SER SER B . n 
B 2 28  LEU 28  51  51  LEU LEU B . n 
B 2 29  ALA 29  52  52  ALA ALA B . n 
B 2 30  ASP 30  53  53  ASP ASP B . n 
B 2 31  VAL 31  54  54  VAL VAL B . n 
B 2 32  GLN 32  55  55  GLN GLN B . n 
B 2 33  ALA 33  56  56  ALA ALA B . n 
B 2 34  VAL 34  57  57  VAL VAL B . n 
B 2 35  CYS 35  58  58  CYS CYS B . n 
B 2 36  SER 36  59  59  SER SER B . n 
B 2 37  GLN 37  60  60  GLN GLN B . n 
B 2 38  LYS 38  61  61  LYS LYS B . n 
B 2 39  ASN 39  62  62  ASN ASN B . n 
B 2 40  VAL 40  63  63  VAL VAL B . n 
B 2 41  ALA 41  64  64  ALA ALA B . n 
B 2 42  CYS 42  65  65  CYS CYS B . n 
B 2 43  LYS 43  66  66  LYS LYS B . n 
B 2 44  ASN 44  67  67  ASN ASN B . n 
B 2 45  GLY 45  68  68  GLY GLY B . n 
B 2 46  GLN 46  69  69  GLN GLN B . n 
B 2 47  THR 47  70  70  THR THR B . n 
B 2 48  ASN 48  71  71  ASN ASN B . n 
B 2 49  CYS 49  72  72  CYS CYS B . n 
B 2 50  TYR 50  73  73  TYR TYR B . n 
B 2 51  GLN 51  74  74  GLN GLN B . n 
B 2 52  SER 52  75  75  SER SER B . n 
B 2 53  TYR 53  76  76  TYR TYR B . n 
B 2 54  SER 54  77  77  SER SER B . n 
B 2 55  THR 55  78  78  THR THR B . n 
B 2 56  MET 56  79  79  MET MET B . n 
B 2 57  SER 57  80  80  SER SER B . n 
B 2 58  ILE 58  81  81  ILE ILE B . n 
B 2 59  THR 59  82  82  THR THR B . n 
B 2 60  ASP 60  83  83  ASP ASP B . n 
B 2 61  CYS 61  84  84  CYS CYS B . n 
B 2 62  ARG 62  85  85  ARG ARG B . n 
B 2 63  GLU 63  86  86  GLU GLU B . n 
B 2 64  THR 64  87  87  THR THR B . n 
B 2 65  GLY 65  88  88  GLY GLY B . n 
B 2 66  SER 66  89  89  SER SER B . n 
B 2 67  SER 67  90  90  SER SER B . n 
B 2 68  LYS 68  91  91  LYS LYS B . n 
B 2 69  TYR 69  92  92  TYR TYR B . n 
B 2 70  PRO 70  93  93  PRO PRO B . n 
B 2 71  ASN 71  94  94  ASN ASN B . n 
B 2 72  CYS 72  95  95  CYS CYS B . n 
B 2 73  ALA 73  96  96  ALA ALA B . n 
B 2 74  TYR 74  97  97  TYR TYR B . n 
B 2 75  LYS 75  98  98  LYS LYS B . n 
B 2 76  THR 76  99  99  THR THR B . n 
B 2 77  THR 77  100 100 THR THR B . n 
B 2 78  GLN 78  101 101 GLN GLN B . n 
B 2 79  ALA 79  102 102 ALA ALA B . n 
B 2 80  ASN 80  103 103 ASN ASN B . n 
B 2 81  LYS 81  104 104 LYS LYS B . n 
B 2 82  HIS 82  105 105 HIS HIS B . n 
B 2 83  ILE 83  106 106 ILE ILE B . n 
B 2 84  ILE 84  107 107 ILE ILE B . n 
B 2 85  VAL 85  108 108 VAL VAL B . n 
B 2 86  ALA 86  109 109 ALA ALA B . n 
B 2 87  CYS 87  110 110 CYS CYS B . n 
B 2 88  GLU 88  111 111 GLU GLU B . n 
B 2 89  GLY 89  112 112 GLY GLY B . n 
B 2 90  ASN 90  113 113 ASN ASN B . n 
B 2 91  PRO 91  114 114 PRO PRO B . n 
B 2 92  TYR 92  115 115 TYR TYR B . n 
B 2 93  VAL 93  116 116 VAL VAL B . n 
B 2 94  PRO 94  117 117 PRO PRO B . n 
B 2 95  VAL 95  118 118 VAL VAL B . n 
B 2 96  HIS 96  119 119 HIS HIS B . n 
B 2 97  PHE 97  120 120 PHE PHE B . n 
B 2 98  ASP 98  121 121 ASP ASP B . n 
B 2 99  ALA 99  122 122 ALA ALA B . n 
B 2 100 SER 100 123 123 SER SER B . n 
B 2 101 VAL 101 124 124 VAL VAL B . n 
# 
loop_
_pdbx_nonpoly_scheme.asym_id 
_pdbx_nonpoly_scheme.entity_id 
_pdbx_nonpoly_scheme.mon_id 
_pdbx_nonpoly_scheme.ndb_seq_num 
_pdbx_nonpoly_scheme.pdb_seq_num 
_pdbx_nonpoly_scheme.auth_seq_num 
_pdbx_nonpoly_scheme.pdb_mon_id 
_pdbx_nonpoly_scheme.auth_mon_id 
_pdbx_nonpoly_scheme.pdb_strand_id 
_pdbx_nonpoly_scheme.pdb_ins_code 
C 3 SO4 1  125 125 SO4 SO4 B . 
D 4 HOH 1  202 202 HOH WAT A . 
D 4 HOH 2  204 204 HOH WAT A . 
D 4 HOH 3  218 218 HOH WAT A . 
D 4 HOH 4  222 222 HOH WAT A . 
D 4 HOH 5  230 230 HOH WAT A . 
D 4 HOH 6  236 236 HOH WAT A . 
D 4 HOH 7  239 239 HOH WAT A . 
D 4 HOH 8  247 247 HOH WAT A . 
D 4 HOH 9  259 259 HOH WAT A . 
E 4 HOH 1  201 201 HOH WAT B . 
E 4 HOH 2  203 203 HOH WAT B . 
E 4 HOH 3  205 205 HOH WAT B . 
E 4 HOH 4  206 206 HOH WAT B . 
E 4 HOH 5  207 207 HOH WAT B . 
E 4 HOH 6  208 208 HOH WAT B . 
E 4 HOH 7  209 209 HOH WAT B . 
E 4 HOH 8  210 210 HOH WAT B . 
E 4 HOH 9  211 211 HOH WAT B . 
E 4 HOH 10 212 212 HOH WAT B . 
E 4 HOH 11 213 213 HOH WAT B . 
E 4 HOH 12 214 214 HOH WAT B . 
E 4 HOH 13 215 215 HOH WAT B . 
E 4 HOH 14 216 216 HOH WAT B . 
E 4 HOH 15 217 217 HOH WAT B . 
E 4 HOH 16 220 220 HOH WAT B . 
E 4 HOH 17 221 221 HOH WAT B . 
E 4 HOH 18 225 225 HOH WAT B . 
E 4 HOH 19 226 226 HOH WAT B . 
E 4 HOH 20 227 227 HOH WAT B . 
E 4 HOH 21 228 228 HOH WAT B . 
E 4 HOH 22 231 231 HOH WAT B . 
E 4 HOH 23 235 235 HOH WAT B . 
E 4 HOH 24 237 237 HOH WAT B . 
E 4 HOH 25 240 240 HOH WAT B . 
E 4 HOH 26 241 241 HOH WAT B . 
E 4 HOH 27 243 243 HOH WAT B . 
E 4 HOH 28 245 245 HOH WAT B . 
E 4 HOH 29 246 246 HOH WAT B . 
E 4 HOH 30 252 252 HOH WAT B . 
E 4 HOH 31 257 257 HOH WAT B . 
E 4 HOH 32 263 263 HOH WAT B . 
E 4 HOH 33 265 265 HOH WAT B . 
# 
_pdbx_struct_mod_residue.id               1 
_pdbx_struct_mod_residue.label_asym_id    A 
_pdbx_struct_mod_residue.label_comp_id    AIB 
_pdbx_struct_mod_residue.label_seq_id     4 
_pdbx_struct_mod_residue.auth_asym_id     A 
_pdbx_struct_mod_residue.auth_comp_id     AIB 
_pdbx_struct_mod_residue.auth_seq_id      4 
_pdbx_struct_mod_residue.PDB_ins_code     ? 
_pdbx_struct_mod_residue.parent_comp_id   ALA 
_pdbx_struct_mod_residue.details          'ALPHA-AMINOISOBUTYRIC ACID' 
# 
loop_
_pdbx_struct_assembly.id 
_pdbx_struct_assembly.details 
_pdbx_struct_assembly.method_details 
_pdbx_struct_assembly.oligomeric_details 
_pdbx_struct_assembly.oligomeric_count 
1 author_and_software_defined_assembly PISA dimeric    2 
2 software_defined_assembly            PISA tetrameric 4 
# 
loop_
_pdbx_struct_assembly_gen.assembly_id 
_pdbx_struct_assembly_gen.oper_expression 
_pdbx_struct_assembly_gen.asym_id_list 
1 1   A,B,C,D,E 
2 1,2 A,B,C,D,E 
# 
loop_
_pdbx_struct_assembly_prop.biol_id 
_pdbx_struct_assembly_prop.type 
_pdbx_struct_assembly_prop.value 
_pdbx_struct_assembly_prop.details 
1 'ABSA (A^2)' 1620  ? 
1 MORE         -23   ? 
1 'SSA (A^2)'  6540  ? 
2 'ABSA (A^2)' 5210  ? 
2 MORE         -52   ? 
2 'SSA (A^2)'  11110 ? 
# 
loop_
_pdbx_struct_oper_list.id 
_pdbx_struct_oper_list.type 
_pdbx_struct_oper_list.name 
_pdbx_struct_oper_list.symmetry_operation 
_pdbx_struct_oper_list.matrix[1][1] 
_pdbx_struct_oper_list.matrix[1][2] 
_pdbx_struct_oper_list.matrix[1][3] 
_pdbx_struct_oper_list.vector[1] 
_pdbx_struct_oper_list.matrix[2][1] 
_pdbx_struct_oper_list.matrix[2][2] 
_pdbx_struct_oper_list.matrix[2][3] 
_pdbx_struct_oper_list.vector[2] 
_pdbx_struct_oper_list.matrix[3][1] 
_pdbx_struct_oper_list.matrix[3][2] 
_pdbx_struct_oper_list.matrix[3][3] 
_pdbx_struct_oper_list.vector[3] 
1 'identity operation'         1_555 x,y,z  1.0000000000  0.0000000000 0.0000000000  0.0000000000  0.0000000000 1.0000000000  0.0000000000  0.0000000000  0.0000000000  0.0000000000  1.0000000000 0.0000000000  
2 'crystal symmetry operation' 4_555 y,x,-z -0.7104185962 0.4373870387 -0.5513601332 12.1592965314 0.4373870387 -0.3393656529 -0.8327806026 10.2461570621 -0.5513601332 -0.8327806026 0.0497842491 14.5143654242 
# 
loop_
_pdbx_audit_revision_history.ordinal 
_pdbx_audit_revision_history.data_content_type 
_pdbx_audit_revision_history.major_revision 
_pdbx_audit_revision_history.minor_revision 
_pdbx_audit_revision_history.revision_date 
1 'Structure model' 1 0 2000-08-09 
2 'Structure model' 1 1 2008-04-27 
3 'Structure model' 1 2 2011-07-13 
4 'Structure model' 1 3 2017-10-04 
5 'Structure model' 1 4 2021-11-03 
# 
_pdbx_audit_revision_details.ordinal             1 
_pdbx_audit_revision_details.revision_ordinal    1 
_pdbx_audit_revision_details.data_content_type   'Structure model' 
_pdbx_audit_revision_details.provider            repository 
_pdbx_audit_revision_details.type                'Initial release' 
_pdbx_audit_revision_details.description         ? 
_pdbx_audit_revision_details.details             ? 
# 
loop_
_pdbx_audit_revision_group.ordinal 
_pdbx_audit_revision_group.revision_ordinal 
_pdbx_audit_revision_group.data_content_type 
_pdbx_audit_revision_group.group 
1 2 'Structure model' 'Version format compliance' 
2 3 'Structure model' 'Version format compliance' 
3 4 'Structure model' 'Refinement description'    
4 5 'Structure model' 'Database references'       
5 5 'Structure model' 'Derived calculations'      
# 
loop_
_pdbx_audit_revision_category.ordinal 
_pdbx_audit_revision_category.revision_ordinal 
_pdbx_audit_revision_category.data_content_type 
_pdbx_audit_revision_category.category 
1 4 'Structure model' software           
2 5 'Structure model' database_2         
3 5 'Structure model' struct_conn        
4 5 'Structure model' struct_ref_seq_dif 
5 5 'Structure model' struct_site        
# 
loop_
_pdbx_audit_revision_item.ordinal 
_pdbx_audit_revision_item.revision_ordinal 
_pdbx_audit_revision_item.data_content_type 
_pdbx_audit_revision_item.item 
1 5 'Structure model' '_database_2.pdbx_DOI'                
2 5 'Structure model' '_database_2.pdbx_database_accession' 
3 5 'Structure model' '_struct_conn.pdbx_leaving_atom_flag' 
4 5 'Structure model' '_struct_ref_seq_dif.details'         
5 5 'Structure model' '_struct_site.pdbx_auth_asym_id'      
6 5 'Structure model' '_struct_site.pdbx_auth_comp_id'      
7 5 'Structure model' '_struct_site.pdbx_auth_seq_id'       
# 
loop_
_software.name 
_software.classification 
_software.version 
_software.citation_id 
_software.pdbx_ordinal 
XDS     'data scaling'   .     ? 1 
AUTOMAR 'data reduction' .     ? 2 
X-PLOR  'model building' .     ? 3 
X-PLOR  refinement       3.851 ? 4 
XDS     'data reduction' .     ? 5 
X-PLOR  phasing          .     ? 6 
# 
loop_
_pdbx_validate_torsion.id 
_pdbx_validate_torsion.PDB_model_num 
_pdbx_validate_torsion.auth_comp_id 
_pdbx_validate_torsion.auth_asym_id 
_pdbx_validate_torsion.auth_seq_id 
_pdbx_validate_torsion.PDB_ins_code 
_pdbx_validate_torsion.label_alt_id 
_pdbx_validate_torsion.phi 
_pdbx_validate_torsion.psi 
1 1 GLN B 60  ? ? -98.78  -131.99 
2 1 THR B 70  ? ? -108.54 42.60   
3 1 ASN B 94  ? ? -103.69 61.84   
4 1 ALA B 122 ? ? 162.89  178.94  
# 
loop_
_pdbx_entity_nonpoly.entity_id 
_pdbx_entity_nonpoly.name 
_pdbx_entity_nonpoly.comp_id 
3 'SULFATE ION' SO4 
4 water         HOH 
# 
